data_6MLR
#
_entry.id   6MLR
#
_cell.length_a   1
_cell.length_b   1
_cell.length_c   1
_cell.angle_alpha   90.00
_cell.angle_beta   90.00
_cell.angle_gamma   90.00
#
_symmetry.space_group_name_H-M   'P 1'
#
loop_
_entity.id
_entity.type
_entity.pdbx_description
1 polymer 'Tubulin alpha-1A chain'
2 polymer 'Tubulin beta chain'
3 polymer 'Kinesin-like protein KIF7'
4 non-polymer "GUANOSINE-5'-TRIPHOSPHATE"
5 non-polymer "GUANOSINE-5'-DIPHOSPHATE"
6 non-polymer TAXOL
7 non-polymer 'PHOSPHOAMINOPHOSPHONIC ACID-ADENYLATE ESTER'
#
loop_
_entity_poly.entity_id
_entity_poly.type
_entity_poly.pdbx_seq_one_letter_code
_entity_poly.pdbx_strand_id
1 'polypeptide(L)'
;MRECISIHVGQAGVQIGNACWELYCLEHGIQPDGQMPSDKTIGGGDDSFNTFFSETGAGKHVPRAVFVDLEPTVIDEVRT
GTYRQLFHPEQLITGKEDAANNYARGHYTIGKEIIDLVLDRIRKLADQCTGLQGFSVFHSFGGGTGSGFTSLLMERLSVD
YGKKSKLEFSIYPAPQVSTAVVEPYNSILTTHTTLEHSDCAFMVDNEAIYDICRRNLDIERPTYTNLNRLIGQIVSSITA
SLRFDGALNVDLTEFQTNLVPYPRAHFPLATYAPVISAEKAYHEQLSVAEITNACFEPANQMVKCDPRHGKYMACCLLYR
GDVVPKDVNAAIATIKTKRTIQFVDWCPTGFKVGINYEPPTVVPGGDLAKVQRAVCMLSNTTAIAEAWARLDHKFDLMYA
KRAFVHWYVGEGMEEGEFSEAREDMAALEKDYEEVGVDSVEGEGEEEGEEY
;
A
2 'polypeptide(L)'
;MREIVHIQAGQCGNQIGAKFWEVISDEHGIDPTGSYHGDSDLQLERINVYYNEAAGNKYVPRAILVDLEPGTMDSVRSGP
FGQIFRPDNFVFGQSGAGNNWAKGHYTEGAELVDSVLDVVRKESESCDCLQGFQLTHSLGGGTGSGMGTLLISKIREEYP
DRIMNTFSVVPSPKVSDTVVEPYNATLSVHQLVENTDETYCIDNEALYDICFRTLKLTTPTYGDLNHLVSATMSGVTTCL
RFPGQLNADLRKLAVNMVPFPRLHFFMPGFAPLTSRGSQQYRALTVPELTQQMFDAKNMMAACDPRHGRYLTVAAVFRGR
MSMKEVDEQMLNVQNKNSSYFVEWIPNNVKTAVCDIPPRGLKMSATFIGNSTAIQELFKRISEQFTAMFRRKAFLHWYTG
EGMDEMEFTEAESNMNDLVSEYQQYQDATADEQGEFEEEGEEDEA
;
B
3 'polypeptide(L)'
;GMGLEAQRLPGAEEAPVRVALRVRPLLPKELLHGHQSCLQVEPGLGRVTLGRDRHFGFHVVLAEDAGQEAVYQACVQPLL
EAFFEGFNATVFAYGQTGSGKTYTMGEASVASLLEDEQGIVPRAMAEAFKLIDENDLLDCLVHVSYLEVYKEEFRDLLEV
GTASRDIQLREDERGNVVLCGVKEVDVEGLDEVLSLLEMGNAARHTGATHLNHLSSRSHTVFTVTLEQRGRAPSRLPRPA
PGQLLVSKFHFVDLAGSERVLKTGSTGERLKESIQINSSLLALGNVISALGDPQRRGSHIPYRDSKITRILKDSLGGNAK
TVMIACVSPSSSDFDETLNTLNYASRAQNIRNRATVNWRPEAERPPEETASGARGPPRHRSETRIIHRGRRAPGPATAS
;
C
#
# COMPACT_ATOMS: atom_id res chain seq x y z
N ARG A 2 5.80 -38.21 -11.55
CA ARG A 2 4.63 -38.64 -12.30
C ARG A 2 3.39 -38.54 -11.44
N GLU A 3 3.46 -39.09 -10.22
CA GLU A 3 2.49 -38.71 -9.20
C GLU A 3 2.83 -37.26 -8.86
N CYS A 4 2.13 -36.33 -9.51
CA CYS A 4 2.66 -35.02 -9.86
C CYS A 4 2.98 -34.16 -8.63
N ILE A 5 3.89 -33.21 -8.83
CA ILE A 5 4.49 -32.43 -7.75
C ILE A 5 4.22 -30.96 -8.02
N SER A 6 3.59 -30.29 -7.05
CA SER A 6 2.99 -28.98 -7.24
C SER A 6 3.61 -27.97 -6.29
N ILE A 7 3.08 -26.74 -6.38
CA ILE A 7 3.50 -25.63 -5.53
C ILE A 7 2.27 -24.98 -4.91
N HIS A 8 2.51 -24.30 -3.79
CA HIS A 8 1.45 -23.61 -3.06
C HIS A 8 2.08 -22.35 -2.46
N VAL A 9 1.75 -21.20 -3.02
CA VAL A 9 2.05 -19.94 -2.38
C VAL A 9 0.71 -19.30 -2.06
N GLY A 10 0.73 -18.31 -1.18
CA GLY A 10 -0.50 -17.66 -0.78
C GLY A 10 -1.13 -18.37 0.39
N GLN A 11 -1.70 -17.58 1.31
CA GLN A 11 -2.25 -18.10 2.56
C GLN A 11 -3.40 -19.05 2.28
N ALA A 12 -4.32 -18.64 1.41
CA ALA A 12 -5.37 -19.55 0.95
C ALA A 12 -4.80 -20.67 0.12
N GLY A 13 -3.69 -20.44 -0.59
CA GLY A 13 -3.04 -21.53 -1.27
C GLY A 13 -2.45 -22.53 -0.29
N VAL A 14 -1.95 -22.03 0.84
CA VAL A 14 -1.35 -22.92 1.82
C VAL A 14 -2.43 -23.75 2.51
N GLN A 15 -3.48 -23.10 2.98
CA GLN A 15 -4.53 -23.85 3.66
C GLN A 15 -5.35 -24.68 2.69
N ILE A 16 -5.43 -24.23 1.43
CA ILE A 16 -6.15 -25.02 0.46
C ILE A 16 -5.30 -26.22 0.08
N GLY A 17 -3.98 -26.11 0.25
CA GLY A 17 -3.17 -27.30 0.22
C GLY A 17 -3.22 -28.08 1.50
N ASN A 18 -3.68 -27.47 2.59
CA ASN A 18 -3.77 -28.23 3.83
C ASN A 18 -4.92 -29.20 3.75
N ALA A 19 -6.09 -28.70 3.38
CA ALA A 19 -7.21 -29.64 3.25
C ALA A 19 -7.12 -30.42 1.94
N CYS A 20 -6.59 -29.81 0.90
CA CYS A 20 -6.45 -30.50 -0.37
C CYS A 20 -5.47 -31.64 -0.26
N TRP A 21 -4.28 -31.33 0.27
CA TRP A 21 -3.25 -32.31 0.52
C TRP A 21 -3.67 -33.30 1.59
N GLU A 22 -4.57 -32.88 2.48
CA GLU A 22 -5.18 -33.80 3.43
C GLU A 22 -6.00 -34.86 2.71
N LEU A 23 -6.85 -34.43 1.79
CA LEU A 23 -7.68 -35.37 1.06
C LEU A 23 -6.85 -36.24 0.14
N TYR A 24 -5.76 -35.69 -0.40
CA TYR A 24 -4.73 -36.49 -1.04
C TYR A 24 -4.24 -37.59 -0.11
N CYS A 25 -3.73 -37.20 1.05
CA CYS A 25 -3.10 -38.17 1.94
C CYS A 25 -4.12 -38.97 2.73
N LEU A 26 -5.40 -38.88 2.41
CA LEU A 26 -6.35 -39.88 2.86
C LEU A 26 -6.80 -40.81 1.75
N GLU A 27 -7.05 -40.30 0.55
CA GLU A 27 -7.73 -41.12 -0.44
C GLU A 27 -6.83 -42.15 -1.10
N HIS A 28 -5.51 -41.99 -1.04
CA HIS A 28 -4.63 -43.01 -1.58
C HIS A 28 -4.15 -43.98 -0.50
N GLY A 29 -4.85 -44.04 0.62
CA GLY A 29 -4.44 -44.89 1.71
C GLY A 29 -3.16 -44.45 2.39
N ILE A 30 -2.81 -43.18 2.29
CA ILE A 30 -1.58 -42.69 2.89
C ILE A 30 -1.76 -42.66 4.40
N GLN A 31 -0.90 -43.38 5.09
CA GLN A 31 -0.88 -43.38 6.54
C GLN A 31 -0.43 -42.01 7.04
N PRO A 32 -0.83 -41.62 8.26
CA PRO A 32 -0.34 -40.35 8.82
C PRO A 32 1.16 -40.34 9.09
N ASP A 33 1.83 -41.50 9.06
CA ASP A 33 3.28 -41.62 8.95
C ASP A 33 3.56 -42.55 7.77
N HIS A 61 5.61 -42.46 3.61
CA HIS A 61 6.97 -42.29 3.13
C HIS A 61 7.17 -40.97 2.41
N VAL A 62 6.47 -40.72 1.30
CA VAL A 62 6.93 -39.70 0.36
C VAL A 62 5.91 -38.57 0.25
N PRO A 63 6.23 -37.38 0.75
CA PRO A 63 5.47 -36.18 0.38
C PRO A 63 6.04 -35.60 -0.90
N ARG A 64 5.19 -34.85 -1.61
CA ARG A 64 5.50 -34.56 -3.00
C ARG A 64 5.19 -33.12 -3.37
N ALA A 65 5.54 -32.15 -2.52
CA ALA A 65 5.30 -30.75 -2.85
C ALA A 65 6.20 -29.84 -2.03
N VAL A 66 6.00 -28.53 -2.21
CA VAL A 66 6.63 -27.47 -1.43
C VAL A 66 5.60 -26.40 -1.09
N PHE A 67 5.82 -25.75 0.06
CA PHE A 67 4.95 -24.71 0.58
C PHE A 67 5.76 -23.44 0.81
N VAL A 68 5.32 -22.34 0.21
CA VAL A 68 6.04 -21.07 0.27
C VAL A 68 5.06 -19.99 0.75
N ASP A 69 5.51 -19.16 1.68
CA ASP A 69 4.73 -18.00 2.11
C ASP A 69 5.67 -16.89 2.53
N LEU A 70 5.19 -15.65 2.46
CA LEU A 70 5.97 -14.51 2.90
C LEU A 70 5.75 -14.18 4.37
N GLU A 71 5.23 -15.13 5.14
CA GLU A 71 5.20 -15.03 6.59
C GLU A 71 5.19 -16.44 7.17
N PRO A 72 6.09 -16.75 8.12
CA PRO A 72 6.13 -18.10 8.67
C PRO A 72 4.95 -18.47 9.58
N THR A 73 4.01 -17.56 9.81
CA THR A 73 2.86 -17.86 10.66
C THR A 73 1.97 -18.94 10.03
N VAL A 74 1.55 -18.71 8.80
CA VAL A 74 0.62 -19.59 8.10
C VAL A 74 1.25 -20.95 7.86
N ILE A 75 2.55 -20.99 7.65
CA ILE A 75 3.23 -22.27 7.55
C ILE A 75 3.31 -22.92 8.92
N ASP A 76 3.52 -22.12 9.96
CA ASP A 76 3.56 -22.63 11.33
C ASP A 76 2.21 -23.14 11.82
N GLU A 77 1.12 -22.88 11.10
CA GLU A 77 -0.06 -23.71 11.26
C GLU A 77 0.29 -25.17 11.05
N VAL A 78 0.77 -25.49 9.85
CA VAL A 78 1.04 -26.88 9.51
C VAL A 78 2.28 -27.36 10.24
N ARG A 79 3.23 -26.48 10.48
CA ARG A 79 4.46 -26.83 11.17
C ARG A 79 4.31 -27.00 12.67
N THR A 80 3.10 -27.08 13.21
CA THR A 80 2.96 -27.24 14.64
C THR A 80 2.23 -28.53 15.03
N GLY A 81 1.02 -28.73 14.52
CA GLY A 81 0.19 -29.81 15.01
C GLY A 81 0.19 -31.03 14.13
N THR A 82 -0.99 -31.42 13.68
CA THR A 82 -1.12 -32.54 12.76
C THR A 82 -0.52 -32.15 11.41
N TYR A 83 -0.03 -33.17 10.69
CA TYR A 83 0.62 -33.04 9.38
C TYR A 83 1.89 -32.22 9.48
N ARG A 84 2.58 -32.35 10.61
CA ARG A 84 3.92 -31.82 10.80
C ARG A 84 4.98 -32.90 10.64
N GLN A 85 4.77 -34.05 11.29
CA GLN A 85 5.70 -35.16 11.17
C GLN A 85 5.69 -35.76 9.77
N LEU A 86 4.60 -35.62 9.05
CA LEU A 86 4.42 -36.25 7.75
C LEU A 86 5.10 -35.47 6.62
N PHE A 87 5.84 -34.42 6.94
CA PHE A 87 6.73 -33.78 5.98
C PHE A 87 8.18 -33.93 6.43
N HIS A 88 9.09 -33.99 5.46
CA HIS A 88 10.48 -33.67 5.74
C HIS A 88 10.60 -32.15 5.76
N PRO A 89 10.74 -31.55 6.94
CA PRO A 89 10.52 -30.10 7.09
C PRO A 89 11.60 -29.22 6.51
N GLU A 90 12.58 -29.80 5.85
CA GLU A 90 13.70 -29.08 5.28
C GLU A 90 13.35 -28.43 3.95
N GLN A 91 12.06 -28.23 3.67
CA GLN A 91 11.61 -27.74 2.39
C GLN A 91 10.43 -26.78 2.49
N LEU A 92 9.86 -26.57 3.67
CA LEU A 92 8.72 -25.66 3.81
C LEU A 92 9.28 -24.25 3.88
N ILE A 93 9.55 -23.69 2.71
CA ILE A 93 10.32 -22.46 2.61
C ILE A 93 9.48 -21.29 3.10
N THR A 94 9.99 -20.56 4.07
CA THR A 94 9.29 -19.42 4.63
C THR A 94 10.12 -18.16 4.49
N GLY A 95 9.44 -17.02 4.47
CA GLY A 95 10.11 -15.74 4.52
C GLY A 95 9.68 -14.97 5.74
N LYS A 96 10.63 -14.66 6.62
CA LYS A 96 10.32 -14.02 7.89
C LYS A 96 10.12 -12.52 7.78
N GLU A 97 10.09 -11.98 6.57
CA GLU A 97 9.79 -10.58 6.37
C GLU A 97 8.27 -10.41 6.28
N ASP A 98 7.85 -9.25 5.80
CA ASP A 98 6.45 -8.84 5.86
C ASP A 98 5.59 -9.71 4.95
N ALA A 99 4.33 -9.87 5.35
CA ALA A 99 3.35 -10.55 4.51
C ALA A 99 3.13 -9.78 3.22
N ALA A 100 2.95 -8.46 3.34
CA ALA A 100 3.11 -7.50 2.26
C ALA A 100 2.12 -7.74 1.12
N ASN A 101 0.83 -7.63 1.44
CA ASN A 101 -0.20 -7.83 0.42
C ASN A 101 -0.42 -6.53 -0.33
N ASN A 102 0.47 -6.32 -1.29
CA ASN A 102 0.41 -5.26 -2.28
C ASN A 102 1.35 -5.70 -3.40
N TYR A 103 0.90 -5.56 -4.65
CA TYR A 103 1.48 -6.32 -5.78
C TYR A 103 2.94 -5.97 -5.99
N ALA A 104 3.22 -4.67 -6.16
CA ALA A 104 4.55 -4.23 -6.55
C ALA A 104 5.58 -4.54 -5.49
N ARG A 105 5.16 -4.65 -4.23
CA ARG A 105 6.07 -5.12 -3.20
C ARG A 105 6.32 -6.61 -3.35
N GLY A 106 5.25 -7.39 -3.54
CA GLY A 106 5.38 -8.84 -3.59
C GLY A 106 6.02 -9.37 -4.86
N HIS A 107 6.00 -8.59 -5.94
CA HIS A 107 6.69 -8.96 -7.16
C HIS A 107 8.16 -8.65 -7.06
N TYR A 108 8.46 -7.48 -6.51
CA TYR A 108 9.81 -6.98 -6.35
C TYR A 108 10.38 -7.41 -5.01
N THR A 109 11.31 -6.59 -4.51
CA THR A 109 12.34 -6.86 -3.50
C THR A 109 12.00 -7.88 -2.42
N ILE A 110 10.81 -7.83 -1.85
CA ILE A 110 10.52 -8.62 -0.67
C ILE A 110 10.37 -10.11 -0.97
N GLY A 111 10.23 -10.50 -2.24
CA GLY A 111 10.21 -11.90 -2.59
C GLY A 111 11.46 -12.28 -3.34
N LYS A 112 12.22 -11.24 -3.70
CA LYS A 112 13.48 -11.43 -4.40
C LYS A 112 14.48 -12.18 -3.54
N GLU A 113 14.36 -12.07 -2.21
CA GLU A 113 15.24 -12.82 -1.32
C GLU A 113 14.94 -14.31 -1.34
N ILE A 114 13.74 -14.70 -1.74
CA ILE A 114 13.30 -16.08 -1.54
C ILE A 114 13.18 -16.83 -2.87
N ILE A 115 13.00 -16.12 -3.98
CA ILE A 115 12.65 -16.71 -5.27
C ILE A 115 13.69 -17.72 -5.75
N ASP A 116 14.97 -17.43 -5.47
CA ASP A 116 16.03 -18.35 -5.88
C ASP A 116 16.01 -19.62 -5.06
N LEU A 117 15.72 -19.49 -3.77
CA LEU A 117 15.66 -20.65 -2.89
C LEU A 117 14.51 -21.56 -3.27
N VAL A 118 13.40 -20.95 -3.68
CA VAL A 118 12.27 -21.73 -4.18
C VAL A 118 12.65 -22.44 -5.48
N LEU A 119 13.40 -21.75 -6.36
CA LEU A 119 13.84 -22.35 -7.61
C LEU A 119 14.75 -23.54 -7.38
N ASP A 120 15.66 -23.45 -6.42
CA ASP A 120 16.56 -24.58 -6.18
C ASP A 120 15.83 -25.74 -5.54
N ARG A 121 14.84 -25.46 -4.70
CA ARG A 121 14.07 -26.58 -4.15
C ARG A 121 13.24 -27.27 -5.21
N ILE A 122 12.64 -26.52 -6.11
CA ILE A 122 11.80 -27.18 -7.10
C ILE A 122 12.63 -27.84 -8.19
N ARG A 123 13.85 -27.36 -8.45
CA ARG A 123 14.68 -28.08 -9.40
C ARG A 123 15.30 -29.31 -8.78
N LYS A 124 15.54 -29.28 -7.46
CA LYS A 124 15.95 -30.49 -6.76
C LYS A 124 14.84 -31.54 -6.83
N LEU A 125 13.60 -31.12 -6.65
CA LEU A 125 12.50 -32.07 -6.79
C LEU A 125 12.31 -32.48 -8.24
N ALA A 126 12.65 -31.61 -9.18
CA ALA A 126 12.58 -31.96 -10.60
C ALA A 126 13.60 -33.03 -10.93
N ASP A 127 14.76 -32.97 -10.31
CA ASP A 127 15.75 -34.01 -10.56
C ASP A 127 15.36 -35.30 -9.83
N GLN A 128 14.78 -35.19 -8.65
CA GLN A 128 14.48 -36.41 -7.89
C GLN A 128 13.31 -37.17 -8.51
N CYS A 129 12.32 -36.46 -9.03
CA CYS A 129 11.27 -37.16 -9.75
C CYS A 129 11.77 -37.57 -11.12
N THR A 130 11.10 -38.56 -11.69
CA THR A 130 11.47 -39.13 -12.98
C THR A 130 10.31 -38.98 -13.94
N GLY A 131 10.51 -38.21 -15.01
CA GLY A 131 9.43 -37.92 -15.93
C GLY A 131 8.36 -37.09 -15.26
N LEU A 132 8.68 -35.84 -14.92
CA LEU A 132 7.72 -34.96 -14.29
C LEU A 132 6.61 -34.63 -15.27
N GLN A 133 5.39 -34.54 -14.76
CA GLN A 133 4.25 -34.50 -15.66
C GLN A 133 3.76 -33.08 -15.91
N GLY A 134 3.76 -32.23 -14.89
CA GLY A 134 3.40 -30.85 -15.11
C GLY A 134 3.46 -30.06 -13.82
N PHE A 135 2.88 -28.86 -13.88
CA PHE A 135 2.80 -27.96 -12.74
C PHE A 135 1.37 -27.48 -12.54
N SER A 136 0.85 -27.68 -11.35
CA SER A 136 -0.40 -27.07 -10.91
C SER A 136 -0.06 -26.08 -9.81
N VAL A 137 -0.57 -24.85 -9.95
CA VAL A 137 -0.08 -23.70 -9.20
C VAL A 137 -1.22 -23.16 -8.35
N PHE A 138 -1.17 -23.36 -7.04
CA PHE A 138 -2.20 -22.85 -6.15
C PHE A 138 -1.74 -21.53 -5.53
N HIS A 139 -2.50 -20.47 -5.77
CA HIS A 139 -2.20 -19.15 -5.23
C HIS A 139 -3.49 -18.35 -5.23
N SER A 140 -3.38 -17.03 -5.10
CA SER A 140 -4.56 -16.19 -5.02
C SER A 140 -4.28 -14.84 -5.67
N PHE A 141 -5.30 -14.32 -6.34
CA PHE A 141 -5.30 -12.92 -6.74
C PHE A 141 -5.59 -11.99 -5.57
N GLY A 142 -6.07 -12.52 -4.45
CA GLY A 142 -6.64 -11.72 -3.39
C GLY A 142 -5.66 -10.99 -2.52
N GLY A 143 -4.38 -11.01 -2.85
CA GLY A 143 -3.39 -10.26 -2.10
C GLY A 143 -2.14 -10.12 -2.93
N GLY A 144 -1.20 -9.34 -2.40
CA GLY A 144 0.09 -9.22 -3.05
C GLY A 144 0.94 -10.47 -2.95
N THR A 145 0.60 -11.38 -2.03
CA THR A 145 1.38 -12.55 -1.71
C THR A 145 1.53 -13.48 -2.91
N GLY A 146 0.43 -14.05 -3.34
CA GLY A 146 0.47 -14.97 -4.44
C GLY A 146 0.14 -14.30 -5.74
N SER A 147 0.62 -13.07 -5.94
CA SER A 147 0.34 -12.34 -7.16
C SER A 147 1.60 -12.08 -7.96
N GLY A 148 2.59 -11.41 -7.38
CA GLY A 148 3.76 -11.03 -8.12
C GLY A 148 4.89 -12.01 -7.98
N PHE A 149 4.99 -12.57 -6.77
CA PHE A 149 5.78 -13.78 -6.56
C PHE A 149 5.31 -14.88 -7.50
N THR A 150 3.99 -15.01 -7.66
CA THR A 150 3.43 -15.92 -8.64
C THR A 150 3.75 -15.47 -10.05
N SER A 151 3.77 -14.15 -10.27
CA SER A 151 3.93 -13.61 -11.62
C SER A 151 5.32 -13.93 -12.17
N LEU A 152 6.37 -13.44 -11.50
CA LEU A 152 7.69 -13.81 -11.95
C LEU A 152 8.07 -15.24 -11.58
N LEU A 153 7.29 -15.89 -10.72
CA LEU A 153 7.48 -17.33 -10.53
C LEU A 153 7.13 -18.08 -11.80
N MET A 154 5.95 -17.81 -12.35
CA MET A 154 5.52 -18.46 -13.59
C MET A 154 6.37 -18.01 -14.77
N GLU A 155 6.77 -16.74 -14.77
CA GLU A 155 7.70 -16.24 -15.78
C GLU A 155 9.02 -16.98 -15.72
N ARG A 156 9.54 -17.18 -14.52
CA ARG A 156 10.81 -17.87 -14.36
C ARG A 156 10.66 -19.34 -14.67
N LEU A 157 9.47 -19.91 -14.48
CA LEU A 157 9.24 -21.29 -14.87
C LEU A 157 9.22 -21.43 -16.38
N SER A 158 8.58 -20.51 -17.09
CA SER A 158 8.57 -20.59 -18.54
C SER A 158 9.93 -20.28 -19.14
N VAL A 159 10.78 -19.53 -18.43
CA VAL A 159 12.18 -19.48 -18.83
C VAL A 159 12.84 -20.81 -18.59
N ASP A 160 12.56 -21.43 -17.44
CA ASP A 160 13.21 -22.69 -17.09
C ASP A 160 12.59 -23.86 -17.85
N TYR A 161 11.31 -24.11 -17.62
CA TYR A 161 10.66 -25.33 -18.07
C TYR A 161 9.53 -25.00 -19.02
N GLY A 162 9.78 -24.12 -19.99
CA GLY A 162 8.72 -23.61 -20.86
C GLY A 162 8.09 -24.67 -21.74
N LYS A 163 8.78 -25.77 -21.99
CA LYS A 163 8.20 -26.88 -22.73
C LYS A 163 7.64 -27.92 -21.75
N LYS A 164 6.71 -27.46 -20.92
CA LYS A 164 6.06 -28.32 -19.94
C LYS A 164 4.58 -27.95 -19.87
N SER A 165 3.93 -28.41 -18.81
CA SER A 165 2.53 -28.14 -18.57
C SER A 165 2.40 -27.13 -17.43
N LYS A 166 1.67 -26.04 -17.68
CA LYS A 166 1.50 -24.97 -16.72
C LYS A 166 0.02 -24.78 -16.47
N LEU A 167 -0.40 -25.01 -15.23
CA LEU A 167 -1.80 -24.96 -14.81
C LEU A 167 -1.88 -23.99 -13.64
N GLU A 168 -2.01 -22.70 -13.93
CA GLU A 168 -2.08 -21.75 -12.82
C GLU A 168 -3.48 -21.77 -12.23
N PHE A 169 -3.59 -21.26 -11.02
CA PHE A 169 -4.75 -21.56 -10.20
C PHE A 169 -4.83 -20.47 -9.13
N SER A 170 -5.73 -19.52 -9.33
CA SER A 170 -5.98 -18.49 -8.33
C SER A 170 -7.47 -18.47 -7.98
N ILE A 171 -7.77 -17.90 -6.83
CA ILE A 171 -9.14 -17.66 -6.45
C ILE A 171 -9.53 -16.29 -7.01
N TYR A 172 -10.53 -16.28 -7.86
CA TYR A 172 -10.96 -15.05 -8.50
C TYR A 172 -11.70 -14.20 -7.47
N PRO A 173 -11.59 -12.89 -7.55
CA PRO A 173 -12.25 -12.02 -6.57
C PRO A 173 -13.76 -12.11 -6.61
N ALA A 174 -14.37 -11.74 -5.51
CA ALA A 174 -15.81 -11.59 -5.47
C ALA A 174 -16.22 -10.26 -6.11
N PRO A 175 -17.35 -10.22 -6.79
CA PRO A 175 -17.74 -8.96 -7.44
C PRO A 175 -18.26 -7.94 -6.44
N GLN A 176 -18.92 -8.40 -5.37
CA GLN A 176 -19.39 -7.50 -4.34
C GLN A 176 -19.20 -8.04 -2.94
N VAL A 177 -18.54 -9.18 -2.77
CA VAL A 177 -18.40 -9.78 -1.44
C VAL A 177 -16.92 -9.63 -1.09
N SER A 178 -16.31 -8.59 -1.65
CA SER A 178 -14.87 -8.44 -1.73
C SER A 178 -14.25 -8.24 -0.34
N THR A 179 -12.92 -8.40 -0.31
CA THR A 179 -12.18 -8.33 0.94
C THR A 179 -11.13 -7.24 0.96
N ALA A 180 -10.23 -7.22 0.00
CA ALA A 180 -9.10 -6.30 0.06
C ALA A 180 -9.51 -4.91 -0.36
N VAL A 181 -8.74 -3.93 0.11
CA VAL A 181 -8.96 -2.58 -0.38
C VAL A 181 -8.32 -2.43 -1.73
N VAL A 182 -7.23 -3.13 -1.97
CA VAL A 182 -6.56 -3.10 -3.24
C VAL A 182 -7.04 -4.23 -4.16
N GLU A 183 -8.21 -4.81 -3.84
CA GLU A 183 -8.88 -5.96 -4.46
C GLU A 183 -8.76 -6.02 -5.97
N PRO A 184 -8.84 -4.91 -6.75
CA PRO A 184 -8.43 -5.02 -8.15
C PRO A 184 -6.95 -5.26 -8.34
N TYR A 185 -6.13 -4.40 -7.74
CA TYR A 185 -4.80 -4.07 -8.27
C TYR A 185 -3.88 -5.27 -8.34
N ASN A 186 -4.00 -6.17 -7.37
CA ASN A 186 -3.22 -7.40 -7.38
C ASN A 186 -3.58 -8.26 -8.58
N SER A 187 -4.88 -8.47 -8.79
CA SER A 187 -5.33 -9.28 -9.91
C SER A 187 -5.04 -8.61 -11.25
N ILE A 188 -5.24 -7.29 -11.31
CA ILE A 188 -5.10 -6.58 -12.58
C ILE A 188 -3.65 -6.53 -12.99
N LEU A 189 -2.75 -6.25 -12.06
CA LEU A 189 -1.34 -6.33 -12.38
C LEU A 189 -0.87 -7.76 -12.56
N THR A 190 -1.60 -8.74 -12.03
CA THR A 190 -1.15 -10.11 -12.21
C THR A 190 -1.48 -10.62 -13.60
N THR A 191 -2.71 -10.40 -14.06
CA THR A 191 -3.12 -10.84 -15.39
C THR A 191 -2.42 -10.07 -16.51
N HIS A 192 -1.74 -8.96 -16.18
CA HIS A 192 -0.84 -8.31 -17.11
C HIS A 192 0.25 -9.25 -17.60
N THR A 193 0.68 -10.19 -16.76
CA THR A 193 1.72 -11.09 -17.20
C THR A 193 1.49 -12.54 -16.84
N THR A 194 0.49 -12.89 -16.02
CA THR A 194 0.30 -14.30 -15.72
C THR A 194 -0.43 -15.03 -16.85
N LEU A 195 -0.98 -14.31 -17.82
CA LEU A 195 -1.57 -14.95 -18.99
C LEU A 195 -0.49 -15.56 -19.87
N GLU A 196 0.62 -14.87 -20.04
CA GLU A 196 1.66 -15.29 -20.97
C GLU A 196 2.56 -16.38 -20.43
N HIS A 197 2.28 -16.91 -19.25
CA HIS A 197 3.15 -17.92 -18.67
C HIS A 197 2.39 -19.12 -18.12
N SER A 198 1.09 -19.19 -18.32
CA SER A 198 0.36 -20.44 -18.19
C SER A 198 -0.65 -20.52 -19.30
N ASP A 199 -1.14 -21.73 -19.56
CA ASP A 199 -2.14 -21.93 -20.59
C ASP A 199 -3.49 -22.28 -19.99
N CYS A 200 -3.53 -23.34 -19.19
CA CYS A 200 -4.75 -23.72 -18.51
C CYS A 200 -4.81 -23.00 -17.17
N ALA A 201 -6.01 -22.53 -16.81
CA ALA A 201 -6.17 -21.81 -15.57
C ALA A 201 -7.58 -21.97 -15.04
N PHE A 202 -7.68 -22.20 -13.74
CA PHE A 202 -8.94 -22.45 -13.06
C PHE A 202 -9.15 -21.34 -12.03
N MET A 203 -10.19 -20.54 -12.22
CA MET A 203 -10.52 -19.47 -11.29
C MET A 203 -11.93 -19.71 -10.76
N VAL A 204 -12.05 -19.83 -9.44
CA VAL A 204 -13.31 -20.12 -8.78
C VAL A 204 -13.54 -19.04 -7.72
N ASP A 205 -14.74 -18.47 -7.71
CA ASP A 205 -15.07 -17.40 -6.79
C ASP A 205 -15.80 -17.96 -5.56
N ASN A 206 -15.70 -17.20 -4.47
CA ASN A 206 -16.18 -17.68 -3.17
C ASN A 206 -17.70 -17.68 -3.09
N GLU A 207 -18.33 -16.64 -3.67
CA GLU A 207 -19.71 -16.29 -3.33
C GLU A 207 -20.69 -17.39 -3.67
N ALA A 208 -20.54 -17.99 -4.85
CA ALA A 208 -21.41 -19.08 -5.21
C ALA A 208 -21.12 -20.34 -4.40
N ILE A 209 -19.91 -20.47 -3.86
CA ILE A 209 -19.67 -21.61 -2.99
C ILE A 209 -20.37 -21.40 -1.67
N TYR A 210 -20.43 -20.16 -1.21
CA TYR A 210 -21.30 -19.83 -0.10
C TYR A 210 -22.76 -20.12 -0.43
N ASP A 211 -23.16 -19.94 -1.69
CA ASP A 211 -24.49 -20.36 -2.07
C ASP A 211 -24.65 -21.88 -2.02
N ILE A 212 -23.57 -22.61 -2.27
CA ILE A 212 -23.69 -24.06 -2.28
C ILE A 212 -23.73 -24.61 -0.86
N CYS A 213 -22.84 -24.11 0.00
CA CYS A 213 -22.84 -24.54 1.39
C CYS A 213 -24.09 -24.07 2.12
N ARG A 214 -24.58 -22.88 1.77
CA ARG A 214 -25.78 -22.35 2.38
C ARG A 214 -27.01 -23.11 1.91
N ARG A 215 -27.10 -23.38 0.61
CA ARG A 215 -28.27 -23.98 0.01
C ARG A 215 -28.17 -25.49 -0.06
N ASN A 216 -27.20 -26.00 -0.80
CA ASN A 216 -27.25 -27.40 -1.20
C ASN A 216 -26.44 -28.30 -0.29
N LEU A 217 -25.43 -27.77 0.37
CA LEU A 217 -24.91 -28.47 1.54
C LEU A 217 -25.75 -28.17 2.76
N ASP A 218 -26.46 -27.03 2.74
CA ASP A 218 -27.53 -26.68 3.67
C ASP A 218 -27.01 -26.55 5.10
N ILE A 219 -25.97 -25.76 5.26
CA ILE A 219 -25.55 -25.31 6.59
C ILE A 219 -25.38 -23.79 6.53
N GLU A 220 -25.56 -23.15 7.69
CA GLU A 220 -25.44 -21.70 7.80
C GLU A 220 -24.13 -21.28 8.46
N ARG A 221 -23.17 -22.18 8.57
CA ARG A 221 -21.83 -21.86 9.05
C ARG A 221 -20.85 -22.25 7.96
N PRO A 222 -20.62 -21.38 6.98
CA PRO A 222 -19.65 -21.71 5.93
C PRO A 222 -18.23 -21.37 6.37
N THR A 223 -17.39 -22.37 6.45
CA THR A 223 -16.03 -22.19 6.92
C THR A 223 -15.08 -22.14 5.74
N TYR A 224 -13.99 -21.38 5.90
CA TYR A 224 -12.90 -21.38 4.94
C TYR A 224 -12.36 -22.78 4.70
N THR A 225 -12.23 -23.58 5.76
CA THR A 225 -11.68 -24.92 5.59
C THR A 225 -12.65 -25.84 4.86
N ASN A 226 -13.95 -25.54 4.87
CA ASN A 226 -14.89 -26.37 4.12
C ASN A 226 -14.84 -26.04 2.64
N LEU A 227 -14.68 -24.76 2.32
CA LEU A 227 -14.35 -24.34 0.96
C LEU A 227 -13.10 -25.05 0.48
N ASN A 228 -12.09 -25.11 1.35
CA ASN A 228 -10.85 -25.80 1.04
C ASN A 228 -11.08 -27.29 0.84
N ARG A 229 -12.06 -27.87 1.53
CA ARG A 229 -12.38 -29.26 1.22
C ARG A 229 -13.11 -29.38 -0.10
N LEU A 230 -13.76 -28.31 -0.56
CA LEU A 230 -14.46 -28.42 -1.83
C LEU A 230 -13.48 -28.30 -3.00
N ILE A 231 -12.59 -27.31 -2.98
CA ILE A 231 -11.60 -27.23 -4.04
C ILE A 231 -10.65 -28.42 -3.93
N GLY A 232 -10.35 -28.86 -2.71
CA GLY A 232 -9.57 -30.08 -2.54
C GLY A 232 -10.28 -31.31 -3.06
N GLN A 233 -11.60 -31.29 -3.06
CA GLN A 233 -12.35 -32.35 -3.71
C GLN A 233 -12.21 -32.28 -5.22
N ILE A 234 -12.31 -31.09 -5.80
CA ILE A 234 -12.33 -31.04 -7.26
C ILE A 234 -10.95 -31.31 -7.84
N VAL A 235 -9.91 -30.80 -7.19
CA VAL A 235 -8.55 -31.14 -7.62
C VAL A 235 -8.23 -32.58 -7.24
N SER A 236 -8.87 -33.07 -6.17
CA SER A 236 -8.78 -34.48 -5.82
C SER A 236 -9.40 -35.39 -6.86
N SER A 237 -10.23 -34.84 -7.73
CA SER A 237 -10.68 -35.60 -8.89
C SER A 237 -10.07 -35.15 -10.19
N ILE A 238 -9.20 -34.13 -10.20
CA ILE A 238 -8.56 -33.77 -11.47
C ILE A 238 -7.53 -34.81 -11.86
N THR A 239 -6.60 -35.11 -10.97
CA THR A 239 -5.44 -35.87 -11.45
C THR A 239 -5.10 -37.10 -10.62
N ALA A 240 -5.25 -37.04 -9.30
CA ALA A 240 -4.83 -38.15 -8.44
C ALA A 240 -5.66 -39.40 -8.71
N SER A 241 -6.95 -39.21 -8.93
CA SER A 241 -7.79 -40.28 -9.46
C SER A 241 -7.46 -40.55 -10.92
N LEU A 242 -7.08 -39.53 -11.67
CA LEU A 242 -6.78 -39.72 -13.08
C LEU A 242 -5.39 -40.30 -13.28
N ARG A 243 -4.56 -40.30 -12.24
CA ARG A 243 -3.39 -41.15 -12.22
C ARG A 243 -3.61 -42.39 -11.40
N PHE A 244 -4.81 -42.56 -10.83
CA PHE A 244 -5.24 -43.83 -10.31
C PHE A 244 -5.81 -44.64 -11.48
N ASP A 245 -6.33 -45.83 -11.20
CA ASP A 245 -6.74 -46.80 -12.20
C ASP A 245 -7.97 -46.30 -12.94
N GLY A 246 -7.76 -45.67 -14.08
CA GLY A 246 -8.87 -45.22 -14.90
C GLY A 246 -8.78 -45.80 -16.30
N ALA A 247 -9.93 -46.27 -16.80
CA ALA A 247 -9.98 -46.83 -18.15
C ALA A 247 -9.92 -45.75 -19.22
N LEU A 248 -10.21 -44.50 -18.86
CA LEU A 248 -10.16 -43.37 -19.78
C LEU A 248 -9.41 -42.21 -19.11
N ASN A 249 -8.22 -42.54 -18.61
CA ASN A 249 -7.34 -41.54 -18.02
C ASN A 249 -6.91 -40.51 -19.05
N VAL A 250 -6.91 -39.25 -18.63
CA VAL A 250 -6.69 -38.13 -19.53
C VAL A 250 -5.38 -37.48 -19.18
N ASP A 251 -4.60 -37.12 -20.20
CA ASP A 251 -3.39 -36.35 -19.97
C ASP A 251 -3.74 -34.95 -19.53
N LEU A 252 -2.86 -34.39 -18.71
CA LEU A 252 -2.95 -32.98 -18.37
C LEU A 252 -2.77 -32.10 -19.60
N THR A 253 -1.97 -32.54 -20.56
CA THR A 253 -1.80 -31.77 -21.79
C THR A 253 -3.05 -31.79 -22.65
N GLU A 254 -3.92 -32.79 -22.47
CA GLU A 254 -5.18 -32.78 -23.20
C GLU A 254 -6.10 -31.68 -22.73
N PHE A 255 -5.87 -31.15 -21.54
CA PHE A 255 -6.56 -29.94 -21.15
C PHE A 255 -6.07 -28.76 -21.98
N GLN A 256 -4.75 -28.54 -22.00
CA GLN A 256 -4.20 -27.37 -22.67
C GLN A 256 -4.22 -27.48 -24.19
N THR A 257 -4.62 -28.61 -24.75
CA THR A 257 -4.95 -28.65 -26.16
C THR A 257 -6.45 -28.66 -26.42
N ASN A 258 -7.21 -29.39 -25.61
CA ASN A 258 -8.66 -29.48 -25.82
C ASN A 258 -9.37 -28.19 -25.47
N LEU A 259 -9.11 -27.64 -24.29
CA LEU A 259 -9.93 -26.57 -23.75
C LEU A 259 -9.74 -25.24 -24.45
N VAL A 260 -8.67 -25.08 -25.22
CA VAL A 260 -8.49 -23.80 -25.90
C VAL A 260 -8.38 -24.02 -27.39
N PRO A 261 -9.28 -23.43 -28.17
CA PRO A 261 -9.13 -23.47 -29.63
C PRO A 261 -8.03 -22.56 -30.11
N TYR A 262 -7.63 -21.59 -29.29
CA TYR A 262 -6.57 -20.65 -29.59
C TYR A 262 -5.42 -20.86 -28.63
N PRO A 263 -4.18 -20.59 -29.06
CA PRO A 263 -3.04 -20.72 -28.14
C PRO A 263 -2.99 -19.66 -27.04
N ARG A 264 -3.80 -18.61 -27.15
CA ARG A 264 -3.83 -17.61 -26.11
C ARG A 264 -4.41 -18.30 -24.88
N ALA A 265 -3.55 -18.56 -23.89
CA ALA A 265 -3.96 -19.25 -22.68
C ALA A 265 -5.23 -18.59 -22.11
N HIS A 266 -6.36 -19.28 -22.21
CA HIS A 266 -7.61 -18.78 -21.70
C HIS A 266 -7.91 -19.51 -20.39
N PHE A 267 -9.14 -19.42 -19.89
CA PHE A 267 -9.48 -20.15 -18.65
C PHE A 267 -10.96 -20.50 -18.53
N PRO A 268 -11.24 -21.81 -18.36
CA PRO A 268 -12.51 -22.53 -18.20
C PRO A 268 -13.11 -22.44 -16.81
N LEU A 269 -14.19 -23.19 -16.59
CA LEU A 269 -14.91 -23.18 -15.32
C LEU A 269 -15.09 -24.61 -14.83
N ALA A 270 -14.70 -24.87 -13.60
CA ALA A 270 -14.71 -26.21 -13.05
C ALA A 270 -15.66 -26.27 -11.87
N THR A 271 -16.45 -27.34 -11.81
CA THR A 271 -17.47 -27.46 -10.77
C THR A 271 -17.64 -28.92 -10.39
N TYR A 272 -17.59 -29.19 -9.08
CA TYR A 272 -17.87 -30.51 -8.55
C TYR A 272 -19.35 -30.56 -8.18
N ALA A 273 -20.11 -31.42 -8.83
CA ALA A 273 -21.56 -31.37 -8.74
C ALA A 273 -22.22 -31.97 -7.49
N PRO A 274 -21.95 -33.27 -7.07
CA PRO A 274 -22.79 -33.84 -6.02
C PRO A 274 -22.57 -33.24 -4.64
N VAL A 275 -23.22 -32.09 -4.41
CA VAL A 275 -23.00 -31.30 -3.22
C VAL A 275 -24.09 -31.54 -2.18
N ILE A 276 -24.72 -32.68 -2.21
CA ILE A 276 -25.73 -33.01 -1.22
C ILE A 276 -25.07 -33.30 0.12
N SER A 277 -25.80 -33.04 1.19
CA SER A 277 -25.28 -33.29 2.52
C SER A 277 -25.67 -34.70 2.98
N ALA A 278 -25.42 -34.98 4.25
CA ALA A 278 -25.65 -36.32 4.79
C ALA A 278 -27.13 -36.61 4.95
N GLU A 279 -27.94 -35.59 5.23
CA GLU A 279 -29.37 -35.79 5.34
C GLU A 279 -30.02 -36.04 3.99
N LYS A 280 -29.37 -35.65 2.90
CA LYS A 280 -30.03 -35.74 1.61
C LYS A 280 -30.03 -37.16 1.08
N ALA A 281 -28.99 -37.93 1.35
CA ALA A 281 -28.85 -39.19 0.61
C ALA A 281 -29.62 -40.35 1.23
N TYR A 282 -30.86 -40.12 1.61
CA TYR A 282 -31.89 -41.15 1.57
C TYR A 282 -32.75 -40.93 0.33
N HIS A 283 -32.05 -41.06 -0.78
CA HIS A 283 -32.46 -40.48 -2.06
C HIS A 283 -32.18 -41.49 -3.17
N GLU A 284 -32.70 -42.73 -3.03
CA GLU A 284 -32.31 -43.90 -3.84
C GLU A 284 -32.40 -43.71 -5.35
N GLN A 285 -33.05 -42.65 -5.83
CA GLN A 285 -32.98 -42.28 -7.23
C GLN A 285 -31.96 -41.15 -7.36
N LEU A 286 -30.69 -41.55 -7.29
CA LEU A 286 -29.56 -40.64 -7.47
C LEU A 286 -28.57 -41.30 -8.41
N SER A 287 -28.45 -40.76 -9.62
CA SER A 287 -27.59 -41.39 -10.62
C SER A 287 -26.74 -40.35 -11.34
N VAL A 288 -26.13 -40.78 -12.44
CA VAL A 288 -25.17 -39.95 -13.16
C VAL A 288 -25.89 -38.78 -13.82
N ALA A 289 -27.12 -38.99 -14.28
CA ALA A 289 -27.85 -37.94 -14.96
C ALA A 289 -28.26 -36.82 -14.02
N GLU A 290 -28.38 -37.13 -12.72
CA GLU A 290 -28.74 -36.11 -11.74
C GLU A 290 -27.64 -35.05 -11.63
N ILE A 291 -26.45 -35.47 -11.25
CA ILE A 291 -25.39 -34.48 -11.06
C ILE A 291 -24.82 -34.04 -12.41
N THR A 292 -24.94 -34.89 -13.42
CA THR A 292 -24.60 -34.51 -14.79
C THR A 292 -25.46 -33.34 -15.24
N ASN A 293 -26.76 -33.45 -15.03
CA ASN A 293 -27.65 -32.35 -15.37
C ASN A 293 -27.43 -31.18 -14.41
N ALA A 294 -27.02 -31.46 -13.19
CA ALA A 294 -26.74 -30.41 -12.21
C ALA A 294 -25.46 -29.67 -12.48
N CYS A 295 -24.61 -30.16 -13.39
CA CYS A 295 -23.45 -29.41 -13.81
C CYS A 295 -23.79 -28.22 -14.67
N PHE A 296 -25.04 -28.09 -15.10
CA PHE A 296 -25.39 -27.13 -16.11
C PHE A 296 -26.52 -26.21 -15.70
N GLU A 297 -27.10 -26.38 -14.53
CA GLU A 297 -27.94 -25.34 -13.99
C GLU A 297 -27.06 -24.13 -13.67
N PRO A 298 -27.52 -22.92 -13.98
CA PRO A 298 -26.58 -21.78 -14.04
C PRO A 298 -26.08 -21.34 -12.68
N ALA A 299 -26.92 -21.32 -11.67
CA ALA A 299 -26.48 -20.90 -10.34
C ALA A 299 -25.90 -22.07 -9.55
N ASN A 300 -24.97 -22.80 -10.15
CA ASN A 300 -24.27 -23.82 -9.41
C ASN A 300 -22.80 -23.92 -9.79
N GLN A 301 -22.29 -23.08 -10.68
CA GLN A 301 -20.99 -23.35 -11.29
C GLN A 301 -19.83 -22.66 -10.58
N MET A 302 -20.03 -22.21 -9.33
CA MET A 302 -18.99 -21.65 -8.47
C MET A 302 -18.30 -20.42 -9.05
N VAL A 303 -19.03 -19.63 -9.84
CA VAL A 303 -18.56 -18.32 -10.27
C VAL A 303 -19.78 -17.47 -10.49
N LYS A 304 -19.68 -16.19 -10.19
CA LYS A 304 -20.87 -15.34 -10.27
C LYS A 304 -20.93 -14.66 -11.64
N CYS A 305 -20.84 -15.46 -12.69
CA CYS A 305 -21.09 -14.98 -14.04
C CYS A 305 -21.77 -16.07 -14.85
N ASP A 306 -22.85 -16.64 -14.29
CA ASP A 306 -23.62 -17.81 -14.71
C ASP A 306 -23.91 -17.85 -16.21
N PRO A 307 -24.07 -19.06 -16.84
CA PRO A 307 -24.29 -19.13 -18.29
C PRO A 307 -25.66 -18.64 -18.76
N ARG A 308 -25.97 -17.39 -18.39
CA ARG A 308 -27.15 -16.72 -18.91
C ARG A 308 -27.03 -16.55 -20.41
N HIS A 309 -25.84 -16.23 -20.88
CA HIS A 309 -25.60 -16.06 -22.29
C HIS A 309 -24.22 -16.56 -22.69
N GLY A 310 -23.49 -17.19 -21.80
CA GLY A 310 -22.19 -17.70 -22.15
C GLY A 310 -22.28 -18.93 -23.02
N LYS A 311 -21.99 -18.78 -24.31
CA LYS A 311 -21.94 -19.92 -25.19
C LYS A 311 -20.74 -20.78 -24.85
N TYR A 312 -20.97 -22.07 -24.63
CA TYR A 312 -19.88 -22.97 -24.28
C TYR A 312 -19.05 -23.26 -25.52
N MET A 313 -17.74 -23.08 -25.41
CA MET A 313 -16.84 -23.53 -26.47
C MET A 313 -16.13 -24.83 -26.12
N ALA A 314 -16.00 -25.17 -24.84
CA ALA A 314 -15.30 -26.39 -24.49
C ALA A 314 -15.90 -26.96 -23.23
N CYS A 315 -15.98 -28.29 -23.16
CA CYS A 315 -16.50 -28.96 -21.97
C CYS A 315 -15.76 -30.28 -21.82
N CYS A 316 -14.89 -30.36 -20.83
CA CYS A 316 -14.33 -31.62 -20.39
C CYS A 316 -15.07 -32.09 -19.16
N LEU A 317 -15.59 -33.31 -19.22
CA LEU A 317 -16.32 -33.91 -18.13
C LEU A 317 -15.50 -35.08 -17.62
N LEU A 318 -15.18 -35.07 -16.33
CA LEU A 318 -14.41 -36.17 -15.76
C LEU A 318 -15.25 -36.83 -14.67
N TYR A 319 -15.49 -38.11 -14.85
CA TYR A 319 -16.41 -38.85 -14.01
C TYR A 319 -15.62 -39.84 -13.18
N ARG A 320 -16.24 -40.34 -12.12
CA ARG A 320 -15.60 -41.32 -11.27
C ARG A 320 -16.68 -42.07 -10.51
N GLY A 321 -16.30 -43.20 -9.95
CA GLY A 321 -17.28 -44.11 -9.39
C GLY A 321 -17.89 -44.97 -10.48
N ASP A 322 -18.90 -45.73 -10.09
CA ASP A 322 -19.55 -46.68 -10.99
C ASP A 322 -20.47 -45.90 -11.94
N VAL A 323 -19.85 -45.29 -12.93
CA VAL A 323 -20.57 -44.45 -13.88
C VAL A 323 -21.21 -45.34 -14.95
N VAL A 324 -22.49 -45.10 -15.22
CA VAL A 324 -23.24 -45.82 -16.24
C VAL A 324 -23.30 -44.97 -17.49
N PRO A 325 -22.97 -45.51 -18.67
CA PRO A 325 -22.97 -44.70 -19.91
C PRO A 325 -24.36 -44.35 -20.45
N LYS A 326 -25.44 -44.86 -19.85
CA LYS A 326 -26.77 -44.52 -20.32
C LYS A 326 -27.13 -43.08 -20.00
N ASP A 327 -26.79 -42.63 -18.79
CA ASP A 327 -26.91 -41.21 -18.44
C ASP A 327 -25.96 -40.34 -19.24
N VAL A 328 -24.84 -40.91 -19.70
CA VAL A 328 -23.93 -40.18 -20.57
C VAL A 328 -24.60 -39.90 -21.91
N ASN A 329 -24.90 -40.96 -22.67
CA ASN A 329 -25.53 -40.77 -23.97
C ASN A 329 -27.05 -40.86 -23.90
N ALA A 330 -27.63 -40.23 -22.89
CA ALA A 330 -28.97 -39.64 -22.93
C ALA A 330 -28.96 -38.25 -22.31
N ALA A 331 -28.24 -38.08 -21.21
CA ALA A 331 -28.23 -36.82 -20.48
C ALA A 331 -27.41 -35.77 -21.21
N ILE A 332 -26.21 -36.12 -21.65
CA ILE A 332 -25.38 -35.14 -22.37
C ILE A 332 -26.01 -34.80 -23.71
N ALA A 333 -26.67 -35.79 -24.34
CA ALA A 333 -27.44 -35.57 -25.56
C ALA A 333 -28.53 -34.54 -25.33
N THR A 334 -29.35 -34.75 -24.31
CA THR A 334 -30.43 -33.80 -24.08
C THR A 334 -29.94 -32.48 -23.49
N ILE A 335 -28.69 -32.43 -23.02
CA ILE A 335 -28.06 -31.13 -22.82
C ILE A 335 -27.83 -30.46 -24.16
N LYS A 336 -27.17 -31.16 -25.08
CA LYS A 336 -26.82 -30.53 -26.35
C LYS A 336 -28.05 -30.33 -27.23
N THR A 337 -29.05 -31.20 -27.11
CA THR A 337 -30.28 -30.99 -27.86
C THR A 337 -31.31 -30.18 -27.09
N LYS A 338 -30.90 -29.48 -26.04
CA LYS A 338 -31.84 -28.59 -25.37
C LYS A 338 -32.05 -27.32 -26.16
N ARG A 339 -30.97 -26.79 -26.76
CA ARG A 339 -30.95 -25.57 -27.57
C ARG A 339 -31.44 -24.35 -26.80
N THR A 340 -31.27 -24.39 -25.49
CA THR A 340 -31.43 -23.25 -24.61
C THR A 340 -30.11 -22.93 -23.93
N ILE A 341 -29.18 -23.86 -23.97
CA ILE A 341 -27.89 -23.81 -23.30
C ILE A 341 -26.86 -23.76 -24.44
N GLN A 342 -27.25 -23.02 -25.49
CA GLN A 342 -26.58 -22.86 -26.78
C GLN A 342 -25.06 -22.79 -26.72
N PHE A 343 -24.41 -23.64 -27.51
CA PHE A 343 -22.95 -23.62 -27.59
C PHE A 343 -22.47 -22.51 -28.51
N VAL A 344 -21.16 -22.49 -28.75
CA VAL A 344 -20.60 -21.60 -29.76
C VAL A 344 -20.98 -22.11 -31.14
N ASP A 345 -21.46 -21.20 -31.98
CA ASP A 345 -21.92 -21.56 -33.31
C ASP A 345 -20.76 -22.03 -34.19
N TRP A 346 -19.81 -21.14 -34.46
CA TRP A 346 -18.80 -21.42 -35.46
C TRP A 346 -17.75 -22.42 -34.96
N CYS A 347 -17.55 -22.51 -33.66
CA CYS A 347 -16.65 -23.50 -33.08
C CYS A 347 -17.40 -24.31 -32.04
N PRO A 348 -18.16 -25.32 -32.46
CA PRO A 348 -18.96 -26.11 -31.51
C PRO A 348 -18.34 -27.43 -31.07
N THR A 349 -17.09 -27.71 -31.43
CA THR A 349 -16.50 -29.03 -31.16
C THR A 349 -15.92 -29.06 -29.76
N GLY A 350 -16.83 -29.12 -28.78
CA GLY A 350 -16.43 -28.77 -27.43
C GLY A 350 -16.65 -29.80 -26.33
N PHE A 351 -16.45 -31.08 -26.63
CA PHE A 351 -16.52 -32.13 -25.62
C PHE A 351 -15.22 -32.89 -25.50
N LYS A 352 -14.93 -33.32 -24.27
CA LYS A 352 -13.77 -34.16 -23.97
C LYS A 352 -14.09 -34.81 -22.64
N VAL A 353 -14.30 -36.11 -22.64
CA VAL A 353 -14.84 -36.80 -21.48
C VAL A 353 -13.86 -37.90 -21.08
N GLY A 354 -13.65 -38.05 -19.78
CA GLY A 354 -12.89 -39.17 -19.27
C GLY A 354 -13.46 -39.63 -17.94
N ILE A 355 -13.49 -40.93 -17.71
CA ILE A 355 -14.14 -41.48 -16.53
C ILE A 355 -13.11 -42.25 -15.73
N ASN A 356 -12.91 -41.86 -14.48
CA ASN A 356 -12.11 -42.68 -13.60
C ASN A 356 -12.97 -43.77 -12.96
N TYR A 357 -12.30 -44.69 -12.30
CA TYR A 357 -13.03 -45.76 -11.66
C TYR A 357 -13.33 -45.48 -10.19
N GLU A 358 -12.40 -44.87 -9.48
CA GLU A 358 -12.47 -44.90 -8.03
C GLU A 358 -13.48 -43.87 -7.53
N PRO A 359 -14.29 -44.21 -6.54
CA PRO A 359 -15.15 -43.22 -5.91
C PRO A 359 -14.35 -42.21 -5.13
N PRO A 360 -14.94 -41.07 -4.79
CA PRO A 360 -14.28 -40.15 -3.85
C PRO A 360 -14.26 -40.68 -2.43
N THR A 361 -13.75 -39.88 -1.51
CA THR A 361 -13.52 -40.37 -0.17
C THR A 361 -14.04 -39.34 0.83
N VAL A 362 -14.61 -39.83 1.91
CA VAL A 362 -15.21 -38.98 2.93
C VAL A 362 -14.12 -38.44 3.85
N VAL A 363 -14.02 -37.13 3.94
CA VAL A 363 -13.26 -36.51 5.03
C VAL A 363 -13.98 -36.80 6.35
N PRO A 364 -13.30 -37.37 7.35
CA PRO A 364 -13.99 -37.80 8.58
C PRO A 364 -14.65 -36.69 9.37
N GLY A 365 -14.16 -35.47 9.26
CA GLY A 365 -14.88 -34.32 9.75
C GLY A 365 -15.60 -33.55 8.67
N GLY A 366 -15.65 -34.07 7.44
CA GLY A 366 -16.16 -33.33 6.31
C GLY A 366 -17.67 -33.34 6.22
N ASP A 367 -18.15 -33.08 5.02
CA ASP A 367 -19.57 -32.85 4.77
C ASP A 367 -20.14 -33.64 3.62
N LEU A 368 -19.34 -34.01 2.63
CA LEU A 368 -19.86 -34.80 1.52
C LEU A 368 -20.19 -36.21 1.98
N ALA A 369 -21.20 -36.80 1.35
CA ALA A 369 -22.00 -37.82 2.00
C ALA A 369 -21.84 -39.21 1.39
N LYS A 370 -20.62 -39.60 1.05
CA LYS A 370 -20.25 -40.96 0.61
C LYS A 370 -21.04 -41.35 -0.64
N VAL A 371 -20.75 -40.65 -1.70
CA VAL A 371 -21.53 -40.74 -2.92
C VAL A 371 -20.86 -41.75 -3.83
N GLN A 372 -21.65 -42.66 -4.39
CA GLN A 372 -21.09 -43.77 -5.16
C GLN A 372 -20.78 -43.41 -6.60
N ARG A 373 -20.96 -42.16 -7.00
CA ARG A 373 -20.63 -41.72 -8.33
C ARG A 373 -20.47 -40.22 -8.30
N ALA A 374 -19.58 -39.70 -9.13
CA ALA A 374 -19.26 -38.30 -9.00
C ALA A 374 -18.79 -37.73 -10.33
N VAL A 375 -19.10 -36.45 -10.52
CA VAL A 375 -18.75 -35.72 -11.72
C VAL A 375 -18.04 -34.45 -11.32
N CYS A 376 -16.83 -34.26 -11.84
CA CYS A 376 -16.20 -32.96 -11.86
C CYS A 376 -16.25 -32.47 -13.30
N MET A 377 -16.95 -31.37 -13.51
CA MET A 377 -17.04 -30.79 -14.83
C MET A 377 -16.07 -29.64 -14.94
N LEU A 378 -15.78 -29.27 -16.17
CA LEU A 378 -15.17 -27.98 -16.48
C LEU A 378 -15.48 -27.66 -17.92
N SER A 379 -15.54 -26.36 -18.23
CA SER A 379 -16.12 -25.89 -19.47
C SER A 379 -15.69 -24.45 -19.67
N ASN A 380 -15.04 -24.17 -20.79
CA ASN A 380 -14.70 -22.79 -21.12
C ASN A 380 -15.83 -22.21 -21.97
N THR A 381 -16.29 -21.04 -21.57
CA THR A 381 -17.52 -20.40 -22.03
C THR A 381 -17.19 -19.09 -22.73
N THR A 382 -18.23 -18.32 -22.97
CA THR A 382 -18.09 -16.94 -23.37
C THR A 382 -17.99 -16.03 -22.15
N ALA A 383 -18.57 -16.47 -21.03
CA ALA A 383 -19.16 -15.56 -20.05
C ALA A 383 -18.12 -14.75 -19.28
N ILE A 384 -16.91 -15.29 -19.13
CA ILE A 384 -15.96 -14.85 -18.10
C ILE A 384 -15.52 -13.40 -18.32
N ALA A 385 -15.53 -12.93 -19.57
CA ALA A 385 -15.17 -11.54 -19.87
C ALA A 385 -16.10 -10.56 -19.19
N GLU A 386 -17.39 -10.91 -19.11
CA GLU A 386 -18.34 -10.13 -18.34
C GLU A 386 -17.93 -10.07 -16.88
N ALA A 387 -17.54 -11.22 -16.32
CA ALA A 387 -16.92 -11.26 -15.00
C ALA A 387 -15.66 -10.42 -14.97
N TRP A 388 -14.86 -10.47 -16.04
CA TRP A 388 -13.71 -9.59 -16.14
C TRP A 388 -14.12 -8.13 -16.16
N ALA A 389 -15.25 -7.84 -16.82
CA ALA A 389 -15.78 -6.48 -16.78
C ALA A 389 -16.20 -6.10 -15.38
N ARG A 390 -16.70 -7.09 -14.62
CA ARG A 390 -16.99 -6.91 -13.20
C ARG A 390 -15.75 -6.52 -12.44
N LEU A 391 -14.61 -7.04 -12.85
CA LEU A 391 -13.37 -6.62 -12.24
C LEU A 391 -12.80 -5.39 -12.92
N ASP A 392 -13.11 -5.17 -14.20
CA ASP A 392 -12.38 -4.17 -14.98
C ASP A 392 -12.80 -2.75 -14.63
N HIS A 393 -14.09 -2.45 -14.84
CA HIS A 393 -14.58 -1.10 -14.63
C HIS A 393 -14.47 -0.69 -13.16
N LYS A 394 -14.68 -1.66 -12.27
CA LYS A 394 -14.36 -1.52 -10.86
C LYS A 394 -12.93 -1.03 -10.66
N PHE A 395 -11.98 -1.75 -11.29
CA PHE A 395 -10.58 -1.35 -11.35
C PHE A 395 -10.39 0.07 -11.86
N ASP A 396 -11.22 0.49 -12.80
CA ASP A 396 -11.02 1.81 -13.36
C ASP A 396 -11.42 2.90 -12.38
N LEU A 397 -12.41 2.62 -11.52
CA LEU A 397 -12.97 3.67 -10.68
C LEU A 397 -11.97 4.13 -9.63
N MET A 398 -11.34 3.19 -8.95
CA MET A 398 -10.26 3.55 -8.04
C MET A 398 -9.00 3.99 -8.76
N TYR A 399 -8.90 3.75 -10.06
CA TYR A 399 -7.80 4.38 -10.80
C TYR A 399 -8.14 5.81 -11.14
N ALA A 400 -9.44 6.13 -11.18
CA ALA A 400 -9.90 7.40 -11.73
C ALA A 400 -9.50 8.60 -10.88
N LYS A 401 -9.16 8.38 -9.62
CA LYS A 401 -8.69 9.46 -8.76
C LYS A 401 -7.22 9.28 -8.39
N ARG A 402 -6.49 8.44 -9.15
CA ARG A 402 -5.05 8.22 -8.97
C ARG A 402 -4.73 7.73 -7.56
N ALA A 403 -5.57 6.84 -7.05
CA ALA A 403 -5.64 6.59 -5.62
C ALA A 403 -4.39 5.98 -5.02
N PHE A 404 -4.07 4.73 -5.34
CA PHE A 404 -3.06 4.04 -4.56
C PHE A 404 -1.74 4.01 -5.27
N VAL A 405 -1.44 5.10 -5.97
CA VAL A 405 -0.26 5.16 -6.82
C VAL A 405 1.02 5.14 -5.99
N HIS A 406 0.99 5.76 -4.81
CA HIS A 406 2.24 6.02 -4.10
C HIS A 406 2.82 4.77 -3.45
N TRP A 407 2.01 3.76 -3.17
CA TRP A 407 2.59 2.52 -2.65
C TRP A 407 3.33 1.78 -3.76
N TYR A 408 2.70 1.63 -4.91
CA TYR A 408 3.28 0.80 -5.96
C TYR A 408 4.43 1.50 -6.66
N VAL A 409 4.31 2.81 -6.89
CA VAL A 409 5.46 3.54 -7.37
C VAL A 409 6.48 3.70 -6.24
N GLY A 410 6.02 3.63 -5.00
CA GLY A 410 6.93 3.45 -3.89
C GLY A 410 7.57 2.07 -3.80
N GLU A 411 7.18 1.13 -4.67
CA GLU A 411 7.85 -0.16 -4.71
C GLU A 411 8.48 -0.48 -6.06
N GLY A 412 8.25 0.36 -7.07
CA GLY A 412 8.95 0.14 -8.33
C GLY A 412 8.06 0.03 -9.56
N MET A 413 6.88 0.61 -9.51
CA MET A 413 6.05 0.65 -10.71
C MET A 413 5.81 2.07 -11.17
N GLU A 414 4.94 2.24 -12.14
CA GLU A 414 4.68 3.55 -12.72
C GLU A 414 3.29 3.55 -13.34
N GLU A 415 2.94 4.70 -13.92
CA GLU A 415 1.67 4.87 -14.62
C GLU A 415 1.56 3.93 -15.81
N GLY A 416 2.67 3.77 -16.54
CA GLY A 416 2.65 2.96 -17.75
C GLY A 416 2.39 1.49 -17.48
N GLU A 417 2.74 1.02 -16.27
CA GLU A 417 2.42 -0.34 -15.91
C GLU A 417 0.92 -0.55 -15.78
N PHE A 418 0.24 0.41 -15.14
CA PHE A 418 -1.21 0.36 -15.04
C PHE A 418 -1.86 0.49 -16.41
N SER A 419 -1.29 1.33 -17.27
CA SER A 419 -1.85 1.50 -18.60
C SER A 419 -1.70 0.24 -19.44
N GLU A 420 -0.55 -0.44 -19.31
CA GLU A 420 -0.36 -1.67 -20.06
C GLU A 420 -1.23 -2.80 -19.51
N ALA A 421 -1.52 -2.77 -18.20
CA ALA A 421 -2.49 -3.71 -17.66
C ALA A 421 -3.87 -3.45 -18.24
N ARG A 422 -4.25 -2.17 -18.34
CA ARG A 422 -5.60 -1.84 -18.79
C ARG A 422 -5.78 -2.15 -20.27
N GLU A 423 -4.78 -1.81 -21.09
CA GLU A 423 -4.83 -2.18 -22.50
C GLU A 423 -4.75 -3.69 -22.68
N ASP A 424 -4.05 -4.37 -21.78
CA ASP A 424 -3.88 -5.80 -21.86
C ASP A 424 -5.21 -6.52 -21.66
N MET A 425 -5.93 -6.14 -20.61
CA MET A 425 -7.26 -6.71 -20.41
C MET A 425 -8.24 -6.21 -21.45
N ALA A 426 -8.01 -5.01 -21.99
CA ALA A 426 -8.88 -4.47 -23.03
C ALA A 426 -8.81 -5.30 -24.30
N ALA A 427 -7.61 -5.75 -24.68
CA ALA A 427 -7.52 -6.68 -25.80
C ALA A 427 -8.00 -8.07 -25.40
N LEU A 428 -7.83 -8.42 -24.12
CA LEU A 428 -8.21 -9.75 -23.66
C LEU A 428 -9.71 -9.98 -23.75
N GLU A 429 -10.50 -8.98 -23.34
CA GLU A 429 -11.94 -9.15 -23.37
C GLU A 429 -12.49 -9.16 -24.78
N LYS A 430 -11.78 -8.55 -25.73
CA LYS A 430 -12.19 -8.67 -27.13
C LYS A 430 -11.80 -10.02 -27.70
N ASP A 431 -10.69 -10.59 -27.22
CA ASP A 431 -10.35 -11.96 -27.60
C ASP A 431 -11.40 -12.93 -27.06
N TYR A 432 -11.89 -12.70 -25.84
CA TYR A 432 -13.03 -13.46 -25.36
C TYR A 432 -14.29 -13.14 -26.14
N GLU A 433 -14.37 -11.95 -26.72
CA GLU A 433 -15.61 -11.52 -27.36
C GLU A 433 -15.80 -12.17 -28.72
N GLU A 434 -14.75 -12.19 -29.55
CA GLU A 434 -14.95 -12.55 -30.95
C GLU A 434 -15.09 -14.06 -31.17
N VAL A 435 -14.69 -14.88 -30.21
CA VAL A 435 -14.80 -16.33 -30.39
C VAL A 435 -16.25 -16.80 -30.21
N GLY A 436 -17.09 -15.98 -29.59
CA GLY A 436 -18.39 -16.44 -29.16
C GLY A 436 -19.48 -16.22 -30.19
N VAL A 437 -20.27 -15.16 -29.99
CA VAL A 437 -21.43 -14.87 -30.84
C VAL A 437 -21.01 -14.65 -32.28
N ASP A 438 -19.83 -14.06 -32.49
CA ASP A 438 -19.32 -13.79 -33.83
C ASP A 438 -18.99 -15.11 -34.52
N SER A 439 -19.84 -15.51 -35.45
CA SER A 439 -19.67 -16.77 -36.17
C SER A 439 -19.41 -16.51 -37.65
N ARG B 2 9.14 -10.54 13.04
CA ARG B 2 8.37 -9.36 13.42
C ARG B 2 8.61 -8.97 14.86
N GLU B 3 9.10 -7.76 15.08
CA GLU B 3 9.44 -7.26 16.40
C GLU B 3 9.08 -5.78 16.46
N ILE B 4 8.49 -5.34 17.58
CA ILE B 4 8.06 -3.96 17.74
C ILE B 4 8.46 -3.49 19.14
N VAL B 5 9.03 -2.29 19.23
CA VAL B 5 9.38 -1.73 20.52
C VAL B 5 8.27 -0.78 20.94
N HIS B 6 8.27 -0.41 22.22
CA HIS B 6 7.20 0.40 22.78
C HIS B 6 7.75 1.74 23.24
N ILE B 7 6.96 2.79 23.07
CA ILE B 7 7.33 4.13 23.52
C ILE B 7 6.20 4.74 24.33
N GLN B 8 6.52 5.18 25.55
CA GLN B 8 5.60 5.96 26.37
C GLN B 8 6.27 7.29 26.68
N ALA B 9 5.84 8.34 26.01
CA ALA B 9 6.28 9.68 26.34
C ALA B 9 5.18 10.41 27.09
N GLY B 10 5.55 11.54 27.69
CA GLY B 10 4.57 12.39 28.33
C GLY B 10 4.06 11.93 29.68
N GLN B 11 3.67 12.90 30.50
CA GLN B 11 3.13 12.64 31.84
C GLN B 11 1.84 11.85 31.77
N CYS B 12 1.07 12.02 30.69
CA CYS B 12 -0.11 11.21 30.48
C CYS B 12 0.27 9.78 30.13
N GLY B 13 1.33 9.59 29.33
CA GLY B 13 1.47 8.40 28.53
C GLY B 13 1.68 7.13 29.32
N ASN B 14 2.39 7.25 30.43
CA ASN B 14 2.69 6.11 31.28
C ASN B 14 1.44 5.27 31.46
N GLN B 15 0.38 5.93 31.92
CA GLN B 15 -0.89 5.25 32.11
C GLN B 15 -1.45 4.91 30.74
N ILE B 16 -1.28 5.85 29.81
CA ILE B 16 -1.73 5.73 28.43
C ILE B 16 -1.50 4.28 28.02
N GLY B 17 -0.35 3.75 28.43
CA GLY B 17 -0.04 2.36 28.14
C GLY B 17 0.26 1.40 29.26
N ALA B 18 0.37 1.90 30.49
CA ALA B 18 0.44 1.07 31.68
C ALA B 18 -0.68 0.05 31.71
N LYS B 19 -1.90 0.48 31.38
CA LYS B 19 -3.02 -0.44 31.31
C LYS B 19 -2.82 -1.49 30.22
N PHE B 20 -2.19 -1.12 29.11
CA PHE B 20 -1.83 -2.09 28.10
C PHE B 20 -0.88 -3.14 28.64
N TRP B 21 0.07 -2.71 29.47
CA TRP B 21 0.94 -3.72 30.06
C TRP B 21 0.25 -4.44 31.20
N GLU B 22 -0.90 -3.96 31.66
CA GLU B 22 -1.77 -4.83 32.42
C GLU B 22 -2.31 -5.94 31.54
N VAL B 23 -2.75 -5.60 30.34
CA VAL B 23 -3.61 -6.48 29.58
C VAL B 23 -2.83 -7.61 28.96
N ILE B 24 -1.79 -7.26 28.21
CA ILE B 24 -1.21 -8.23 27.30
C ILE B 24 -0.40 -9.28 28.06
N SER B 25 0.15 -8.90 29.22
CA SER B 25 0.76 -9.89 30.09
C SER B 25 -0.28 -10.83 30.67
N ASP B 26 -1.49 -10.33 30.91
CA ASP B 26 -2.60 -11.22 31.25
C ASP B 26 -3.03 -12.02 30.03
N GLU B 27 -2.78 -11.50 28.83
CA GLU B 27 -3.19 -12.20 27.63
C GLU B 27 -2.32 -13.42 27.37
N HIS B 28 -1.08 -13.40 27.84
CA HIS B 28 -0.17 -14.54 27.66
C HIS B 28 0.05 -15.34 28.93
N GLY B 29 -0.53 -14.93 30.05
CA GLY B 29 -0.32 -15.66 31.28
C GLY B 29 1.00 -15.35 31.93
N ILE B 30 1.18 -14.09 32.31
CA ILE B 30 2.43 -13.60 32.89
C ILE B 30 2.13 -12.99 34.24
N ASP B 31 2.90 -13.39 35.25
CA ASP B 31 2.81 -12.83 36.58
C ASP B 31 3.44 -11.44 36.60
N PRO B 32 3.32 -10.68 37.70
CA PRO B 32 4.14 -9.47 37.84
C PRO B 32 5.63 -9.74 37.76
N THR B 33 6.10 -10.86 38.27
CA THR B 33 7.50 -11.22 38.20
C THR B 33 7.74 -12.47 37.38
N GLY B 34 6.84 -13.44 37.48
CA GLY B 34 7.06 -14.78 36.98
C GLY B 34 6.97 -14.94 35.48
N SER B 35 6.58 -16.12 35.07
CA SER B 35 6.82 -16.61 33.73
C SER B 35 5.52 -16.89 33.00
N TYR B 36 5.67 -17.60 31.87
CA TYR B 36 4.59 -17.97 30.97
C TYR B 36 3.74 -19.04 31.65
N HIS B 37 2.82 -18.57 32.49
CA HIS B 37 1.91 -19.47 33.17
C HIS B 37 0.60 -19.63 32.42
N GLY B 38 0.55 -19.22 31.16
CA GLY B 38 -0.63 -19.46 30.36
C GLY B 38 -0.77 -20.94 30.05
N ASP B 39 -1.99 -21.45 30.18
CA ASP B 39 -2.21 -22.88 30.02
C ASP B 39 -2.16 -23.31 28.57
N SER B 40 -2.33 -22.38 27.64
CA SER B 40 -2.38 -22.71 26.22
C SER B 40 -1.03 -22.40 25.60
N ASP B 41 -0.52 -23.34 24.81
CA ASP B 41 0.77 -23.16 24.16
C ASP B 41 0.73 -22.10 23.08
N LEU B 42 -0.44 -21.78 22.56
CA LEU B 42 -0.55 -20.85 21.45
C LEU B 42 -0.40 -19.40 21.91
N GLN B 43 -0.32 -19.16 23.22
CA GLN B 43 0.05 -17.87 23.74
C GLN B 43 1.56 -17.63 23.72
N LEU B 44 2.33 -18.41 22.98
CA LEU B 44 3.77 -18.35 23.12
C LEU B 44 4.45 -18.18 21.78
N GLU B 45 3.80 -18.64 20.71
CA GLU B 45 4.50 -18.97 19.48
C GLU B 45 5.03 -17.76 18.74
N ARG B 46 4.43 -16.59 18.93
CA ARG B 46 4.96 -15.38 18.33
C ARG B 46 4.94 -14.24 19.35
N ILE B 47 5.43 -14.52 20.56
CA ILE B 47 5.52 -13.46 21.56
C ILE B 47 6.66 -12.49 21.33
N ASN B 48 7.54 -12.78 20.39
CA ASN B 48 8.72 -11.97 20.15
C ASN B 48 8.40 -10.60 19.57
N VAL B 49 7.15 -10.33 19.21
CA VAL B 49 6.84 -9.05 18.61
C VAL B 49 6.89 -7.95 19.66
N TYR B 50 6.47 -8.27 20.88
CA TYR B 50 6.47 -7.30 21.96
C TYR B 50 7.43 -7.64 23.09
N TYR B 51 8.14 -8.76 23.02
CA TYR B 51 8.91 -9.23 24.15
C TYR B 51 10.34 -9.57 23.75
N ASN B 52 11.17 -9.80 24.77
CA ASN B 52 12.52 -10.34 24.64
C ASN B 52 12.77 -11.29 25.80
N GLU B 53 13.94 -11.92 25.79
CA GLU B 53 14.34 -12.83 26.86
C GLU B 53 15.85 -12.66 27.07
N ALA B 54 16.23 -11.71 27.93
CA ALA B 54 17.65 -11.41 28.16
C ALA B 54 18.16 -11.88 29.50
N ALA B 55 17.32 -11.86 30.54
CA ALA B 55 17.60 -12.64 31.72
C ALA B 55 17.23 -14.10 31.54
N GLY B 56 16.57 -14.44 30.44
CA GLY B 56 16.33 -15.81 30.09
C GLY B 56 15.06 -16.37 30.69
N ASN B 57 15.07 -16.63 31.99
CA ASN B 57 13.92 -17.28 32.59
C ASN B 57 12.77 -16.30 32.79
N LYS B 58 13.07 -15.02 32.90
CA LYS B 58 12.04 -14.00 33.09
C LYS B 58 11.38 -13.67 31.76
N TYR B 59 10.60 -12.61 31.74
CA TYR B 59 10.17 -11.98 30.51
C TYR B 59 10.32 -10.49 30.65
N VAL B 60 10.63 -9.81 29.55
CA VAL B 60 10.83 -8.38 29.55
C VAL B 60 10.00 -7.72 28.45
N PRO B 61 9.25 -6.67 28.75
CA PRO B 61 8.58 -5.90 27.70
C PRO B 61 9.59 -4.99 27.02
N ARG B 62 9.69 -5.13 25.71
CA ARG B 62 10.55 -4.25 24.94
C ARG B 62 9.92 -2.87 24.91
N ALA B 63 10.32 -2.03 25.86
CA ALA B 63 9.61 -0.81 26.11
C ALA B 63 10.57 0.26 26.61
N ILE B 64 10.33 1.49 26.19
CA ILE B 64 11.12 2.63 26.59
C ILE B 64 10.19 3.67 27.20
N LEU B 65 10.43 4.02 28.44
CA LEU B 65 9.49 4.81 29.23
C LEU B 65 10.16 6.15 29.54
N VAL B 66 9.61 7.22 28.96
CA VAL B 66 10.26 8.52 28.94
C VAL B 66 9.30 9.57 29.49
N ASP B 67 9.77 10.39 30.42
CA ASP B 67 9.01 11.52 30.92
C ASP B 67 9.98 12.64 31.28
N LEU B 68 9.52 13.87 31.19
CA LEU B 68 10.32 15.01 31.59
C LEU B 68 10.05 15.45 33.02
N GLU B 69 9.23 14.71 33.74
CA GLU B 69 9.07 14.94 35.17
C GLU B 69 9.00 13.58 35.84
N PRO B 70 9.87 13.31 36.80
CA PRO B 70 10.12 11.92 37.18
C PRO B 70 9.01 11.26 37.97
N GLY B 71 8.29 12.01 38.81
CA GLY B 71 7.38 11.42 39.79
C GLY B 71 6.23 10.63 39.21
N THR B 72 5.85 10.91 37.96
CA THR B 72 4.80 10.14 37.31
C THR B 72 5.25 8.71 37.07
N MET B 73 6.34 8.53 36.33
CA MET B 73 6.83 7.19 36.09
C MET B 73 7.43 6.59 37.35
N ASP B 74 7.82 7.42 38.32
CA ASP B 74 8.20 6.90 39.63
C ASP B 74 7.00 6.27 40.32
N SER B 75 5.82 6.86 40.14
CA SER B 75 4.61 6.21 40.61
C SER B 75 4.31 4.94 39.82
N VAL B 76 4.70 4.93 38.54
CA VAL B 76 4.45 3.76 37.73
C VAL B 76 5.32 2.60 38.15
N ARG B 77 6.60 2.86 38.45
CA ARG B 77 7.49 1.79 38.84
C ARG B 77 7.18 1.28 40.24
N SER B 78 6.42 2.03 41.02
CA SER B 78 5.86 1.55 42.26
C SER B 78 4.56 0.81 42.06
N GLY B 79 4.07 0.73 40.82
CA GLY B 79 2.79 0.12 40.56
C GLY B 79 2.83 -1.40 40.64
N PRO B 80 1.69 -2.02 40.37
CA PRO B 80 1.63 -3.49 40.42
C PRO B 80 2.42 -4.14 39.31
N PHE B 81 2.59 -3.46 38.19
CA PHE B 81 3.47 -3.93 37.13
C PHE B 81 4.68 -3.04 36.95
N GLY B 82 5.07 -2.34 38.02
CA GLY B 82 6.28 -1.56 38.02
C GLY B 82 7.54 -2.32 38.33
N GLN B 83 7.45 -3.64 38.52
CA GLN B 83 8.60 -4.48 38.75
C GLN B 83 8.94 -5.35 37.55
N ILE B 84 8.10 -5.37 36.53
CA ILE B 84 8.32 -6.24 35.39
C ILE B 84 9.21 -5.60 34.34
N PHE B 85 9.67 -4.38 34.61
CA PHE B 85 10.53 -3.64 33.69
C PHE B 85 11.97 -3.82 34.12
N ARG B 86 12.88 -3.91 33.16
CA ARG B 86 14.27 -3.70 33.49
C ARG B 86 14.46 -2.20 33.67
N PRO B 87 14.77 -1.73 34.87
CA PRO B 87 14.75 -0.28 35.13
C PRO B 87 15.87 0.47 34.47
N ASP B 88 16.87 -0.22 33.93
CA ASP B 88 17.87 0.45 33.09
C ASP B 88 17.26 0.95 31.79
N ASN B 89 16.08 0.46 31.41
CA ASN B 89 15.42 1.01 30.24
C ASN B 89 14.80 2.37 30.48
N PHE B 90 14.69 2.80 31.73
CA PHE B 90 14.19 4.14 32.02
C PHE B 90 15.13 5.21 31.50
N VAL B 91 14.55 6.23 30.87
CA VAL B 91 15.25 7.45 30.51
C VAL B 91 14.34 8.61 30.90
N PHE B 92 14.83 9.50 31.75
CA PHE B 92 14.05 10.64 32.20
C PHE B 92 15.00 11.71 32.70
N GLY B 93 14.46 12.69 33.43
CA GLY B 93 15.27 13.68 34.09
C GLY B 93 14.45 14.43 35.10
N GLN B 94 15.14 15.08 36.04
CA GLN B 94 14.48 15.95 37.01
C GLN B 94 14.39 17.39 36.48
N SER B 95 14.36 17.56 35.17
CA SER B 95 14.15 18.87 34.61
C SER B 95 12.70 19.29 34.79
N GLY B 96 12.45 20.58 34.64
CA GLY B 96 11.10 21.08 34.66
C GLY B 96 10.38 20.68 33.38
N ALA B 97 9.38 19.82 33.49
CA ALA B 97 8.64 19.39 32.31
C ALA B 97 7.80 20.55 31.80
N GLY B 98 8.37 21.28 30.85
CA GLY B 98 7.75 22.52 30.41
C GLY B 98 6.46 22.24 29.67
N ASN B 99 5.40 22.95 30.06
CA ASN B 99 4.09 22.70 29.47
C ASN B 99 3.98 23.27 28.07
N ASN B 100 4.93 24.13 27.69
CA ASN B 100 5.22 24.42 26.29
C ASN B 100 5.49 23.15 25.51
N TRP B 101 4.99 23.14 24.27
CA TRP B 101 5.41 22.15 23.29
C TRP B 101 6.90 22.29 22.99
N ALA B 102 7.33 23.50 22.63
CA ALA B 102 8.68 23.73 22.14
C ALA B 102 9.73 23.52 23.22
N LYS B 103 9.35 23.71 24.48
CA LYS B 103 10.32 23.49 25.56
C LYS B 103 10.61 22.00 25.71
N GLY B 104 9.64 21.15 25.38
CA GLY B 104 9.92 19.76 25.20
C GLY B 104 10.43 19.41 23.81
N HIS B 105 10.46 20.38 22.90
CA HIS B 105 10.91 20.11 21.54
C HIS B 105 12.21 20.83 21.18
N TYR B 106 12.60 21.87 21.90
CA TYR B 106 13.84 22.55 21.60
C TYR B 106 14.88 22.49 22.70
N THR B 107 14.49 22.45 23.97
CA THR B 107 15.47 22.59 25.02
C THR B 107 15.57 21.37 25.92
N GLU B 108 14.48 20.98 26.59
CA GLU B 108 14.63 20.16 27.79
C GLU B 108 14.87 18.70 27.45
N GLY B 109 13.90 18.08 26.77
CA GLY B 109 14.14 16.75 26.25
C GLY B 109 15.14 16.71 25.12
N ALA B 110 15.43 17.87 24.50
CA ALA B 110 16.38 17.92 23.41
C ALA B 110 17.77 17.54 23.86
N GLU B 111 18.14 17.89 25.09
CA GLU B 111 19.36 17.35 25.68
C GLU B 111 19.11 16.03 26.40
N LEU B 112 18.04 15.34 26.05
CA LEU B 112 17.79 14.00 26.52
C LEU B 112 17.40 13.10 25.36
N VAL B 113 17.36 13.65 24.14
CA VAL B 113 17.05 12.87 22.93
C VAL B 113 18.06 11.76 22.72
N ASP B 114 19.35 12.08 22.84
CA ASP B 114 20.40 11.13 22.53
C ASP B 114 20.40 9.98 23.52
N SER B 115 20.07 10.27 24.77
CA SER B 115 19.89 9.23 25.76
C SER B 115 18.74 8.30 25.40
N VAL B 116 17.72 8.82 24.73
CA VAL B 116 16.65 7.95 24.25
C VAL B 116 17.15 7.13 23.07
N LEU B 117 17.82 7.79 22.13
CA LEU B 117 18.23 7.15 20.88
C LEU B 117 19.23 6.03 21.10
N ASP B 118 20.03 6.13 22.16
CA ASP B 118 20.91 5.03 22.51
C ASP B 118 20.09 3.81 22.95
N VAL B 119 18.95 4.04 23.60
CA VAL B 119 18.15 2.90 24.03
C VAL B 119 17.31 2.37 22.86
N VAL B 120 16.94 3.24 21.92
CA VAL B 120 16.21 2.72 20.77
C VAL B 120 17.16 1.98 19.83
N ARG B 121 18.46 2.28 19.87
CA ARG B 121 19.39 1.55 19.03
C ARG B 121 19.90 0.30 19.70
N LYS B 122 20.03 0.33 21.04
CA LYS B 122 20.33 -0.88 21.77
C LYS B 122 19.17 -1.85 21.68
N GLU B 123 17.94 -1.35 21.64
CA GLU B 123 16.78 -2.22 21.58
C GLU B 123 16.33 -2.56 20.16
N SER B 124 16.72 -1.77 19.18
CA SER B 124 16.26 -2.03 17.81
C SER B 124 16.96 -3.25 17.23
N GLU B 125 18.28 -3.17 17.08
CA GLU B 125 19.07 -4.30 16.58
C GLU B 125 19.47 -5.25 17.69
N SER B 126 18.72 -5.26 18.80
CA SER B 126 18.95 -6.25 19.84
C SER B 126 18.66 -7.66 19.35
N CYS B 127 17.74 -7.79 18.39
CA CYS B 127 17.16 -9.07 18.03
C CYS B 127 16.85 -9.01 16.53
N ASP B 128 15.91 -9.85 16.10
CA ASP B 128 15.60 -10.06 14.68
C ASP B 128 14.96 -8.80 14.07
N CYS B 129 14.55 -8.92 12.80
CA CYS B 129 14.23 -7.78 11.94
C CYS B 129 13.12 -6.91 12.50
N LEU B 130 13.36 -5.61 12.46
CA LEU B 130 12.50 -4.63 13.10
C LEU B 130 11.25 -4.41 12.27
N GLN B 131 10.13 -4.25 12.94
CA GLN B 131 8.83 -4.27 12.30
C GLN B 131 8.09 -2.96 12.42
N GLY B 132 7.92 -2.44 13.64
CA GLY B 132 7.13 -1.23 13.80
C GLY B 132 7.41 -0.55 15.12
N PHE B 133 6.85 0.65 15.25
CA PHE B 133 7.01 1.53 16.40
C PHE B 133 5.65 2.02 16.90
N GLN B 134 5.44 1.92 18.21
CA GLN B 134 4.21 2.36 18.85
C GLN B 134 4.50 3.62 19.65
N LEU B 135 3.89 4.74 19.25
CA LEU B 135 4.09 6.03 19.90
C LEU B 135 2.86 6.35 20.75
N THR B 136 2.95 6.05 22.05
CA THR B 136 1.90 6.38 22.99
C THR B 136 2.30 7.64 23.73
N HIS B 137 1.45 8.66 23.65
CA HIS B 137 1.72 9.95 24.27
C HIS B 137 0.40 10.69 24.36
N SER B 138 0.47 11.98 24.63
CA SER B 138 -0.67 12.85 24.46
C SER B 138 -0.22 14.13 23.78
N LEU B 139 -1.18 14.82 23.19
CA LEU B 139 -0.97 16.19 22.75
C LEU B 139 -1.29 17.20 23.84
N GLY B 140 -1.84 16.73 24.95
CA GLY B 140 -2.28 17.62 26.02
C GLY B 140 -1.11 18.16 26.80
N GLY B 141 -0.37 19.07 26.21
CA GLY B 141 0.81 19.61 26.82
C GLY B 141 2.00 19.46 25.90
N GLY B 142 3.19 19.62 26.46
CA GLY B 142 4.39 19.50 25.66
C GLY B 142 5.04 18.16 25.79
N THR B 143 4.77 17.48 26.90
CA THR B 143 5.59 16.35 27.30
C THR B 143 5.39 15.15 26.39
N GLY B 144 4.17 14.88 25.99
CA GLY B 144 4.00 13.86 24.98
C GLY B 144 4.13 14.36 23.58
N SER B 145 4.09 15.66 23.38
CA SER B 145 3.98 16.23 22.04
C SER B 145 5.28 16.83 21.54
N GLY B 146 5.94 17.67 22.34
CA GLY B 146 7.21 18.23 21.91
C GLY B 146 8.30 17.18 21.84
N MET B 147 8.49 16.45 22.93
CA MET B 147 9.44 15.35 22.92
C MET B 147 8.95 14.18 22.09
N GLY B 148 7.63 14.07 21.90
CA GLY B 148 7.08 13.03 21.04
C GLY B 148 7.47 13.18 19.60
N THR B 149 7.01 14.25 18.95
CA THR B 149 7.36 14.45 17.55
C THR B 149 8.82 14.85 17.38
N LEU B 150 9.47 15.29 18.45
CA LEU B 150 10.92 15.45 18.40
C LEU B 150 11.59 14.10 18.26
N LEU B 151 11.17 13.13 19.10
CA LEU B 151 11.63 11.75 18.98
C LEU B 151 11.37 11.18 17.61
N ILE B 152 10.11 11.04 17.22
CA ILE B 152 9.81 10.31 15.98
C ILE B 152 10.24 11.08 14.75
N SER B 153 10.34 12.41 14.85
CA SER B 153 10.94 13.19 13.78
C SER B 153 12.43 12.89 13.63
N LYS B 154 13.12 12.60 14.73
CA LYS B 154 14.48 12.09 14.56
C LYS B 154 14.47 10.63 14.12
N ILE B 155 13.45 9.87 14.50
CA ILE B 155 13.42 8.43 14.26
C ILE B 155 13.26 8.13 12.77
N ARG B 156 12.39 8.88 12.10
CA ARG B 156 12.18 8.62 10.67
C ARG B 156 13.41 9.00 9.85
N GLU B 157 14.17 10.00 10.30
CA GLU B 157 15.47 10.25 9.72
C GLU B 157 16.43 9.09 10.01
N GLU B 158 16.35 8.53 11.22
CA GLU B 158 17.13 7.35 11.54
C GLU B 158 16.61 6.13 10.79
N TYR B 159 15.32 5.84 10.93
CA TYR B 159 14.73 4.64 10.33
C TYR B 159 13.69 5.08 9.30
N PRO B 160 14.02 5.04 8.01
CA PRO B 160 13.06 5.50 7.00
C PRO B 160 12.15 4.38 6.53
N ASP B 161 12.11 3.28 7.26
CA ASP B 161 11.67 2.02 6.68
C ASP B 161 10.43 1.45 7.36
N ARG B 162 10.39 1.41 8.68
CA ARG B 162 9.35 0.69 9.36
C ARG B 162 8.13 1.57 9.54
N ILE B 163 7.23 1.16 10.41
CA ILE B 163 5.90 1.74 10.55
C ILE B 163 5.85 2.54 11.83
N MET B 164 5.26 3.73 11.75
CA MET B 164 5.14 4.63 12.90
C MET B 164 3.68 4.68 13.35
N ASN B 165 3.36 3.98 14.43
CA ASN B 165 2.01 4.00 14.96
C ASN B 165 1.88 5.14 15.97
N THR B 166 0.99 6.08 15.69
CA THR B 166 0.83 7.27 16.51
C THR B 166 -0.45 7.14 17.34
N PHE B 167 -0.28 6.82 18.62
CA PHE B 167 -1.36 7.00 19.59
C PHE B 167 -1.28 8.43 20.09
N SER B 168 -2.04 9.29 19.45
CA SER B 168 -2.18 10.66 19.88
C SER B 168 -3.42 10.78 20.76
N VAL B 169 -3.44 11.82 21.58
CA VAL B 169 -4.63 12.16 22.35
C VAL B 169 -5.01 13.58 21.91
N VAL B 170 -5.89 13.66 20.95
CA VAL B 170 -6.47 14.96 20.56
C VAL B 170 -7.40 15.42 21.67
N PRO B 171 -7.36 16.69 22.06
CA PRO B 171 -8.27 17.16 23.12
C PRO B 171 -9.72 17.12 22.65
N SER B 172 -10.60 16.84 23.60
CA SER B 172 -12.03 16.88 23.32
C SER B 172 -12.43 18.31 23.01
N PRO B 173 -13.40 18.52 22.10
CA PRO B 173 -13.61 19.88 21.57
C PRO B 173 -14.22 20.86 22.54
N LYS B 174 -14.77 20.41 23.67
CA LYS B 174 -15.18 21.39 24.68
C LYS B 174 -14.66 21.07 26.07
N VAL B 175 -14.51 19.80 26.42
CA VAL B 175 -14.09 19.47 27.77
C VAL B 175 -12.58 19.62 27.81
N SER B 176 -12.11 20.81 28.12
CA SER B 176 -10.70 21.12 28.04
C SER B 176 -9.98 20.67 29.31
N ASP B 177 -8.70 20.99 29.41
CA ASP B 177 -7.89 20.63 30.57
C ASP B 177 -7.31 21.84 31.27
N THR B 178 -6.61 22.69 30.52
CA THR B 178 -6.19 24.01 30.95
C THR B 178 -6.09 24.82 29.68
N VAL B 179 -6.73 25.99 29.65
CA VAL B 179 -7.12 26.67 28.41
C VAL B 179 -5.92 27.25 27.66
N VAL B 180 -4.70 26.99 28.11
CA VAL B 180 -3.46 27.21 27.37
C VAL B 180 -3.27 26.15 26.29
N GLU B 181 -4.15 25.16 26.27
CA GLU B 181 -4.12 23.92 25.51
C GLU B 181 -3.75 23.93 24.02
N PRO B 182 -4.50 24.60 23.14
CA PRO B 182 -4.59 24.11 21.75
C PRO B 182 -3.34 24.30 20.92
N TYR B 183 -2.42 25.17 21.34
CA TYR B 183 -1.15 25.31 20.65
C TYR B 183 -0.37 24.01 20.70
N ASN B 184 -0.48 23.30 21.83
CA ASN B 184 0.11 21.98 21.99
C ASN B 184 -0.48 20.94 21.06
N ALA B 185 -1.60 21.23 20.40
CA ALA B 185 -1.99 20.42 19.25
C ALA B 185 -1.21 20.85 18.01
N THR B 186 -1.23 22.15 17.73
CA THR B 186 -0.91 22.67 16.39
C THR B 186 0.51 22.34 15.99
N LEU B 187 1.47 22.87 16.74
CA LEU B 187 2.88 22.57 16.51
C LEU B 187 3.20 21.09 16.64
N SER B 188 2.42 20.34 17.39
CA SER B 188 2.63 18.90 17.41
C SER B 188 2.17 18.27 16.11
N VAL B 189 0.96 18.62 15.67
CA VAL B 189 0.40 17.89 14.54
C VAL B 189 0.95 18.43 13.23
N HIS B 190 1.53 19.64 13.26
CA HIS B 190 2.28 20.14 12.13
C HIS B 190 3.47 19.25 11.80
N GLN B 191 4.05 18.65 12.82
CA GLN B 191 5.13 17.69 12.65
C GLN B 191 4.69 16.29 13.04
N LEU B 192 3.42 15.96 12.84
CA LEU B 192 3.01 14.57 12.90
C LEU B 192 2.88 13.95 11.52
N VAL B 193 2.18 14.61 10.60
CA VAL B 193 1.80 14.02 9.33
C VAL B 193 3.00 13.74 8.43
N GLU B 194 4.10 14.46 8.62
CA GLU B 194 5.27 14.20 7.82
C GLU B 194 6.18 13.15 8.42
N ASN B 195 5.88 12.67 9.62
CA ASN B 195 6.77 11.76 10.31
C ASN B 195 6.02 10.60 10.93
N THR B 196 4.94 10.17 10.30
CA THR B 196 4.32 8.90 10.63
C THR B 196 3.64 8.35 9.40
N ASP B 197 3.02 7.20 9.58
CA ASP B 197 2.18 6.61 8.55
C ASP B 197 0.87 6.08 9.09
N GLU B 198 0.72 5.93 10.40
CA GLU B 198 -0.55 5.61 11.01
C GLU B 198 -0.72 6.43 12.27
N THR B 199 -1.86 7.09 12.39
CA THR B 199 -2.18 7.89 13.58
C THR B 199 -3.56 7.52 14.07
N TYR B 200 -3.62 6.83 15.19
CA TYR B 200 -4.88 6.46 15.82
C TYR B 200 -5.14 7.54 16.87
N CYS B 201 -6.01 8.49 16.54
CA CYS B 201 -6.30 9.58 17.46
C CYS B 201 -7.53 9.26 18.30
N ILE B 202 -7.50 9.69 19.56
CA ILE B 202 -8.56 9.38 20.51
C ILE B 202 -9.08 10.73 21.03
N ASP B 203 -10.27 10.70 21.62
CA ASP B 203 -10.92 11.91 22.11
C ASP B 203 -11.58 11.66 23.46
N ASN B 204 -11.49 12.66 24.34
CA ASN B 204 -11.81 12.46 25.75
C ASN B 204 -13.31 12.35 26.00
N GLU B 205 -14.09 13.27 25.43
CA GLU B 205 -15.52 13.23 25.71
C GLU B 205 -16.19 12.06 25.01
N ALA B 206 -15.53 11.49 24.00
CA ALA B 206 -15.96 10.20 23.49
C ALA B 206 -15.76 9.12 24.54
N LEU B 207 -14.65 9.19 25.27
CA LEU B 207 -14.40 8.23 26.36
C LEU B 207 -15.43 8.37 27.46
N TYR B 208 -15.81 9.61 27.78
CA TYR B 208 -16.87 9.75 28.77
C TYR B 208 -18.23 9.37 28.19
N ASP B 209 -18.39 9.49 26.88
CA ASP B 209 -19.64 9.11 26.25
C ASP B 209 -19.81 7.61 26.29
N ILE B 210 -18.75 6.86 26.02
CA ILE B 210 -18.87 5.41 25.97
C ILE B 210 -18.84 4.84 27.38
N CYS B 211 -17.93 5.33 28.21
CA CYS B 211 -17.82 4.81 29.56
C CYS B 211 -19.01 5.20 30.42
N PHE B 212 -19.59 6.36 30.17
CA PHE B 212 -20.59 6.91 31.07
C PHE B 212 -22.00 6.50 30.70
N ARG B 213 -22.30 6.38 29.41
CA ARG B 213 -23.66 6.13 28.97
C ARG B 213 -23.90 4.67 28.58
N THR B 214 -23.14 4.16 27.61
CA THR B 214 -23.38 2.81 27.10
C THR B 214 -23.04 1.78 28.16
N LEU B 215 -21.85 1.87 28.74
CA LEU B 215 -21.69 1.33 30.07
C LEU B 215 -22.36 2.26 31.05
N LYS B 216 -23.17 1.71 31.94
CA LYS B 216 -23.91 2.52 32.88
C LYS B 216 -23.13 2.83 34.15
N LEU B 217 -21.80 2.76 34.11
CA LEU B 217 -21.02 3.21 35.23
C LEU B 217 -20.98 4.73 35.24
N THR B 218 -21.35 5.33 36.37
CA THR B 218 -21.50 6.77 36.52
C THR B 218 -20.17 7.45 36.85
N THR B 219 -19.18 6.67 37.27
CA THR B 219 -17.90 7.18 37.77
C THR B 219 -16.78 6.78 36.83
N PRO B 220 -16.41 7.63 35.88
CA PRO B 220 -15.34 7.25 34.95
C PRO B 220 -13.95 7.43 35.54
N THR B 221 -13.48 6.41 36.24
CA THR B 221 -12.07 6.35 36.65
C THR B 221 -11.18 6.35 35.40
N TYR B 222 -10.10 7.11 35.44
CA TYR B 222 -9.27 7.28 34.25
C TYR B 222 -8.57 5.99 33.86
N GLY B 223 -8.31 5.13 34.85
CA GLY B 223 -7.77 3.82 34.55
C GLY B 223 -8.74 2.96 33.75
N ASP B 224 -10.03 3.24 33.85
CA ASP B 224 -10.99 2.54 33.00
C ASP B 224 -10.95 3.08 31.59
N LEU B 225 -10.67 4.37 31.43
CA LEU B 225 -10.53 4.97 30.11
C LEU B 225 -9.33 4.40 29.40
N ASN B 226 -8.18 4.42 30.08
CA ASN B 226 -6.98 3.83 29.52
C ASN B 226 -7.08 2.32 29.43
N HIS B 227 -7.93 1.70 30.24
CA HIS B 227 -8.28 0.30 30.07
C HIS B 227 -8.97 0.06 28.74
N LEU B 228 -9.83 1.00 28.34
CA LEU B 228 -10.49 0.88 27.04
C LEU B 228 -9.51 1.09 25.89
N VAL B 229 -8.57 2.02 26.04
CA VAL B 229 -7.55 2.18 25.00
C VAL B 229 -6.64 0.95 24.95
N SER B 230 -6.43 0.30 26.10
CA SER B 230 -5.69 -0.94 26.11
C SER B 230 -6.46 -2.04 25.39
N ALA B 231 -7.79 -1.99 25.45
CA ALA B 231 -8.56 -2.90 24.61
C ALA B 231 -8.37 -2.59 23.14
N THR B 232 -8.13 -1.33 22.80
CA THR B 232 -7.90 -1.01 21.39
C THR B 232 -6.60 -1.62 20.90
N MET B 233 -5.48 -1.26 21.53
CA MET B 233 -4.21 -1.70 20.97
C MET B 233 -3.97 -3.19 21.20
N SER B 234 -4.60 -3.76 22.23
CA SER B 234 -4.63 -5.21 22.31
C SER B 234 -5.50 -5.78 21.21
N GLY B 235 -6.45 -4.99 20.71
CA GLY B 235 -7.21 -5.43 19.57
C GLY B 235 -6.43 -5.44 18.29
N VAL B 236 -5.51 -4.48 18.11
CA VAL B 236 -4.99 -4.24 16.77
C VAL B 236 -3.97 -5.27 16.33
N THR B 237 -2.83 -5.32 17.00
CA THR B 237 -1.62 -5.78 16.33
C THR B 237 -1.26 -7.22 16.63
N THR B 238 -0.98 -7.55 17.90
CA THR B 238 -0.57 -8.92 18.24
C THR B 238 -1.71 -9.92 18.08
N CYS B 239 -2.95 -9.42 18.03
CA CYS B 239 -4.08 -10.20 17.58
C CYS B 239 -3.84 -10.76 16.18
N LEU B 240 -3.34 -9.93 15.29
CA LEU B 240 -2.93 -10.43 13.99
C LEU B 240 -1.68 -11.29 14.07
N ARG B 241 -0.90 -11.16 15.14
CA ARG B 241 0.32 -11.93 15.29
C ARG B 241 0.11 -13.14 16.17
N PHE B 242 -1.12 -13.62 16.23
CA PHE B 242 -1.52 -14.92 16.71
C PHE B 242 -1.90 -15.67 15.43
N PRO B 243 -2.33 -16.94 15.46
CA PRO B 243 -2.96 -17.48 14.25
C PRO B 243 -4.22 -16.72 13.86
N GLY B 244 -4.44 -16.63 12.56
CA GLY B 244 -5.60 -15.99 12.00
C GLY B 244 -5.90 -16.62 10.66
N GLN B 245 -7.17 -16.75 10.30
CA GLN B 245 -7.53 -17.36 9.02
C GLN B 245 -7.06 -16.47 7.88
N LEU B 246 -7.48 -15.22 7.89
CA LEU B 246 -6.88 -14.16 7.11
C LEU B 246 -6.40 -13.12 8.12
N ASN B 247 -5.09 -13.13 8.39
CA ASN B 247 -4.50 -12.27 9.39
C ASN B 247 -3.53 -11.30 8.76
N ALA B 248 -3.86 -10.02 8.83
CA ALA B 248 -3.11 -8.95 8.18
C ALA B 248 -1.93 -8.56 9.05
N ASP B 249 -1.29 -7.44 8.71
CA ASP B 249 -0.29 -6.87 9.62
C ASP B 249 -0.49 -5.37 9.75
N LEU B 250 0.49 -4.70 10.33
CA LEU B 250 0.48 -3.25 10.32
C LEU B 250 0.61 -2.71 8.90
N ARG B 251 1.46 -3.34 8.10
CA ARG B 251 1.78 -2.79 6.79
C ARG B 251 0.61 -2.93 5.83
N LYS B 252 -0.10 -4.06 5.90
CA LYS B 252 -1.34 -4.20 5.12
C LYS B 252 -2.35 -3.14 5.50
N LEU B 253 -2.54 -2.90 6.79
CA LEU B 253 -3.46 -1.85 7.23
C LEU B 253 -3.00 -0.49 6.79
N ALA B 254 -1.69 -0.29 6.69
CA ALA B 254 -1.14 0.98 6.23
C ALA B 254 -1.42 1.19 4.75
N VAL B 255 -1.28 0.15 3.95
CA VAL B 255 -1.53 0.32 2.52
C VAL B 255 -3.03 0.35 2.26
N ASN B 256 -3.80 -0.33 3.10
CA ASN B 256 -5.26 -0.35 2.96
C ASN B 256 -5.86 1.01 3.26
N MET B 257 -5.67 1.49 4.49
CA MET B 257 -6.53 2.56 4.97
C MET B 257 -6.00 3.94 4.67
N VAL B 258 -5.02 4.08 3.79
CA VAL B 258 -4.69 5.42 3.35
C VAL B 258 -5.04 5.51 1.87
N PRO B 259 -5.66 6.57 1.43
CA PRO B 259 -5.74 6.82 -0.01
C PRO B 259 -4.37 7.20 -0.52
N PHE B 260 -3.82 8.17 0.15
CA PHE B 260 -2.68 8.96 -0.27
C PHE B 260 -1.65 8.90 0.84
N PRO B 261 -0.44 9.44 0.69
CA PRO B 261 0.49 9.49 1.82
C PRO B 261 0.18 10.56 2.86
N ARG B 262 -0.98 11.19 2.84
CA ARG B 262 -1.37 12.10 3.91
C ARG B 262 -1.96 11.38 5.08
N LEU B 263 -2.40 10.15 4.88
CA LEU B 263 -2.58 9.05 5.84
C LEU B 263 -3.76 9.22 6.78
N HIS B 264 -4.34 10.41 6.83
CA HIS B 264 -5.74 10.68 7.16
C HIS B 264 -6.18 10.02 8.47
N PHE B 265 -5.65 10.60 9.55
CA PHE B 265 -5.45 9.99 10.87
C PHE B 265 -6.68 9.24 11.36
N PHE B 266 -6.47 8.13 12.03
CA PHE B 266 -7.50 7.10 12.15
C PHE B 266 -8.28 7.20 13.44
N MET B 267 -9.45 6.56 13.43
CA MET B 267 -10.42 6.64 14.50
C MET B 267 -10.82 5.22 14.90
N PRO B 268 -10.41 4.74 16.06
CA PRO B 268 -10.69 3.36 16.44
C PRO B 268 -11.98 3.22 17.23
N GLY B 269 -12.39 1.96 17.35
CA GLY B 269 -13.56 1.60 18.13
C GLY B 269 -13.42 0.16 18.55
N PHE B 270 -14.21 -0.22 19.53
CA PHE B 270 -14.19 -1.57 20.05
C PHE B 270 -15.62 -2.03 20.20
N ALA B 271 -15.90 -3.27 19.81
CA ALA B 271 -17.32 -3.60 19.70
C ALA B 271 -18.00 -3.95 21.04
N PRO B 272 -17.61 -5.03 21.80
CA PRO B 272 -18.47 -5.41 22.91
C PRO B 272 -18.34 -4.46 24.09
N LEU B 273 -19.30 -3.55 24.22
CA LEU B 273 -19.28 -2.49 25.23
C LEU B 273 -20.56 -2.60 26.05
N THR B 274 -20.50 -3.44 27.07
CA THR B 274 -21.67 -3.76 27.89
C THR B 274 -21.31 -3.52 29.34
N SER B 275 -22.32 -3.19 30.14
CA SER B 275 -22.08 -3.03 31.58
C SER B 275 -21.86 -4.39 32.23
N ARG B 276 -21.44 -4.36 33.50
CA ARG B 276 -20.68 -5.45 34.10
C ARG B 276 -21.42 -6.77 34.20
N GLY B 277 -22.47 -6.82 35.02
CA GLY B 277 -23.14 -8.09 35.25
C GLY B 277 -24.55 -8.06 34.70
N SER B 278 -25.00 -6.88 34.33
CA SER B 278 -26.37 -6.67 33.91
C SER B 278 -26.62 -7.12 32.47
N GLN B 279 -25.60 -7.55 31.75
CA GLN B 279 -25.79 -7.72 30.32
C GLN B 279 -25.67 -9.17 29.90
N GLN B 280 -26.28 -10.06 30.66
CA GLN B 280 -26.73 -11.32 30.08
C GLN B 280 -27.62 -10.99 28.89
N TYR B 281 -27.33 -11.59 27.74
CA TYR B 281 -28.03 -11.12 26.56
C TYR B 281 -28.47 -12.20 25.60
N ARG B 282 -27.81 -13.38 25.57
CA ARG B 282 -28.16 -14.54 24.71
C ARG B 282 -28.28 -14.13 23.24
N ALA B 283 -27.39 -13.21 22.87
CA ALA B 283 -27.28 -12.67 21.53
C ALA B 283 -25.95 -11.94 21.41
N LEU B 284 -24.86 -12.64 21.69
CA LEU B 284 -23.54 -12.03 21.62
C LEU B 284 -22.68 -12.89 20.65
N THR B 285 -22.34 -12.27 19.53
CA THR B 285 -21.54 -12.88 18.52
C THR B 285 -21.02 -11.83 17.58
N VAL B 286 -20.31 -12.29 16.57
CA VAL B 286 -19.70 -11.42 15.56
C VAL B 286 -20.68 -10.41 15.01
N PRO B 287 -21.89 -10.90 14.67
CA PRO B 287 -22.96 -10.08 14.10
C PRO B 287 -23.18 -8.84 14.94
N GLU B 288 -23.31 -9.01 16.26
CA GLU B 288 -23.55 -7.86 17.13
C GLU B 288 -22.37 -6.94 16.90
N LEU B 289 -21.15 -7.40 17.16
CA LEU B 289 -20.01 -6.57 16.85
C LEU B 289 -20.27 -5.76 15.58
N THR B 290 -20.96 -6.37 14.64
CA THR B 290 -21.27 -5.71 13.37
C THR B 290 -22.07 -4.41 13.56
N GLN B 291 -23.33 -4.50 13.99
CA GLN B 291 -24.12 -3.29 14.12
C GLN B 291 -23.58 -2.38 15.21
N GLN B 292 -22.90 -2.96 16.20
CA GLN B 292 -22.34 -2.18 17.29
C GLN B 292 -21.18 -1.31 16.81
N MET B 293 -20.51 -1.72 15.74
CA MET B 293 -19.31 -1.02 15.32
C MET B 293 -19.59 0.32 14.66
N PHE B 294 -20.72 0.44 13.97
CA PHE B 294 -20.87 1.50 13.00
C PHE B 294 -21.88 2.55 13.43
N ASP B 295 -22.26 2.57 14.69
CA ASP B 295 -23.22 3.55 15.15
C ASP B 295 -22.48 4.84 15.53
N ALA B 296 -23.25 5.89 15.82
CA ALA B 296 -22.64 7.17 16.17
C ALA B 296 -21.95 7.12 17.52
N LYS B 297 -22.46 6.32 18.45
CA LYS B 297 -21.73 6.05 19.67
C LYS B 297 -20.81 4.87 19.41
N ASN B 298 -20.12 4.39 20.47
CA ASN B 298 -19.06 3.39 20.39
C ASN B 298 -17.97 3.84 19.44
N MET B 299 -17.66 5.12 19.50
CA MET B 299 -16.65 5.75 18.66
C MET B 299 -15.76 6.61 19.55
N MET B 300 -14.47 6.50 19.35
CA MET B 300 -13.50 7.23 20.16
C MET B 300 -13.18 8.60 19.57
N ALA B 301 -13.94 9.02 18.57
CA ALA B 301 -13.69 10.26 17.87
C ALA B 301 -14.54 11.39 18.46
N ALA B 302 -14.12 12.61 18.20
CA ALA B 302 -14.89 13.75 18.66
C ALA B 302 -16.15 13.91 17.82
N CYS B 303 -15.98 14.12 16.52
CA CYS B 303 -17.09 14.41 15.64
C CYS B 303 -17.93 13.16 15.40
N ASP B 304 -19.16 13.39 14.98
CA ASP B 304 -20.03 12.31 14.55
C ASP B 304 -19.50 11.69 13.25
N PRO B 305 -19.21 10.40 13.23
CA PRO B 305 -18.65 9.80 12.02
C PRO B 305 -19.63 9.71 10.87
N ARG B 306 -20.93 9.76 11.17
CA ARG B 306 -21.93 9.73 10.12
C ARG B 306 -21.95 11.02 9.31
N HIS B 307 -21.35 12.09 9.82
CA HIS B 307 -21.44 13.41 9.23
C HIS B 307 -20.62 13.54 7.96
N GLY B 308 -19.74 12.60 7.67
CA GLY B 308 -19.01 12.61 6.42
C GLY B 308 -19.18 11.31 5.67
N ARG B 309 -18.32 11.07 4.68
CA ARG B 309 -18.28 9.79 3.99
C ARG B 309 -17.46 8.79 4.78
N TYR B 310 -17.37 7.58 4.26
CA TYR B 310 -16.37 6.61 4.68
C TYR B 310 -15.41 6.34 3.54
N LEU B 311 -14.13 6.71 3.75
CA LEU B 311 -13.09 6.27 2.83
C LEU B 311 -12.72 4.83 3.08
N THR B 312 -12.17 4.52 4.25
CA THR B 312 -11.71 3.17 4.45
C THR B 312 -11.95 2.77 5.90
N VAL B 313 -12.50 1.57 6.09
CA VAL B 313 -12.71 1.02 7.42
C VAL B 313 -12.23 -0.42 7.39
N ALA B 314 -11.31 -0.75 8.30
CA ALA B 314 -10.86 -2.11 8.48
C ALA B 314 -11.36 -2.65 9.80
N ALA B 315 -11.67 -3.94 9.81
CA ALA B 315 -12.17 -4.60 11.01
C ALA B 315 -11.33 -5.82 11.31
N VAL B 316 -11.12 -6.07 12.60
CA VAL B 316 -10.35 -7.21 13.06
C VAL B 316 -11.26 -7.98 14.01
N PHE B 317 -11.91 -9.02 13.49
CA PHE B 317 -12.88 -9.77 14.26
C PHE B 317 -12.16 -10.88 15.00
N ARG B 318 -12.49 -11.03 16.27
CA ARG B 318 -11.79 -11.96 17.17
C ARG B 318 -12.78 -13.00 17.64
N GLY B 319 -12.70 -14.19 17.07
CA GLY B 319 -13.58 -15.27 17.47
C GLY B 319 -13.71 -16.32 16.40
N ARG B 320 -14.08 -17.51 16.82
CA ARG B 320 -14.34 -18.61 15.91
C ARG B 320 -15.62 -18.32 15.14
N MET B 321 -15.49 -17.94 13.89
CA MET B 321 -16.64 -17.39 13.18
C MET B 321 -16.49 -17.64 11.69
N SER B 322 -17.52 -17.29 10.94
CA SER B 322 -17.60 -17.58 9.52
C SER B 322 -17.61 -16.29 8.71
N MET B 323 -16.84 -16.28 7.64
CA MET B 323 -16.69 -15.06 6.87
C MET B 323 -17.89 -14.77 6.00
N LYS B 324 -18.67 -15.80 5.67
CA LYS B 324 -19.93 -15.58 4.96
C LYS B 324 -20.86 -14.70 5.78
N GLU B 325 -21.00 -15.02 7.05
CA GLU B 325 -21.71 -14.11 7.93
C GLU B 325 -20.82 -13.00 8.48
N VAL B 326 -19.64 -12.82 7.91
CA VAL B 326 -18.92 -11.55 8.02
C VAL B 326 -19.18 -10.74 6.77
N ASP B 327 -18.83 -11.31 5.62
CA ASP B 327 -18.77 -10.52 4.40
C ASP B 327 -20.17 -10.17 3.92
N GLU B 328 -21.15 -10.98 4.29
CA GLU B 328 -22.54 -10.63 4.05
C GLU B 328 -22.93 -9.40 4.86
N GLN B 329 -22.46 -9.33 6.11
CA GLN B 329 -22.73 -8.15 6.94
C GLN B 329 -22.02 -6.93 6.40
N MET B 330 -20.81 -7.12 5.87
CA MET B 330 -20.10 -5.99 5.27
C MET B 330 -20.77 -5.54 3.99
N LEU B 331 -21.43 -6.48 3.31
CA LEU B 331 -22.28 -6.11 2.18
C LEU B 331 -23.49 -5.32 2.66
N ASN B 332 -24.04 -5.67 3.83
CA ASN B 332 -25.15 -4.91 4.39
C ASN B 332 -24.74 -3.49 4.71
N VAL B 333 -23.51 -3.31 5.20
CA VAL B 333 -23.05 -1.96 5.45
C VAL B 333 -22.75 -1.26 4.15
N GLN B 334 -22.33 -2.00 3.12
CA GLN B 334 -22.22 -1.43 1.80
C GLN B 334 -23.57 -1.08 1.17
N ASN B 335 -24.68 -1.58 1.71
CA ASN B 335 -25.98 -1.30 1.12
C ASN B 335 -26.75 -0.22 1.89
N LYS B 336 -27.02 -0.47 3.17
CA LYS B 336 -28.00 0.33 3.89
C LYS B 336 -27.51 1.72 4.25
N ASN B 337 -26.21 1.96 4.15
CA ASN B 337 -25.65 3.26 4.49
C ASN B 337 -24.80 3.79 3.34
N SER B 338 -25.13 3.37 2.13
CA SER B 338 -24.27 3.53 0.96
C SER B 338 -24.14 4.97 0.50
N SER B 339 -25.00 5.87 0.99
CA SER B 339 -24.86 7.26 0.63
C SER B 339 -23.60 7.86 1.22
N TYR B 340 -23.42 7.72 2.53
CA TYR B 340 -22.22 8.24 3.17
C TYR B 340 -21.13 7.17 3.29
N PHE B 341 -20.90 6.45 2.20
CA PHE B 341 -20.00 5.29 2.23
C PHE B 341 -19.17 5.23 0.94
N VAL B 342 -18.46 6.34 0.64
CA VAL B 342 -18.22 6.92 -0.68
C VAL B 342 -17.94 5.93 -1.80
N GLU B 343 -18.56 6.18 -2.96
CA GLU B 343 -18.87 5.13 -3.92
C GLU B 343 -17.64 4.66 -4.69
N TRP B 344 -16.75 5.59 -5.03
CA TRP B 344 -15.71 5.37 -6.03
C TRP B 344 -14.64 4.39 -5.57
N ILE B 345 -14.58 4.06 -4.29
CA ILE B 345 -13.91 2.86 -3.83
C ILE B 345 -14.98 1.86 -3.43
N PRO B 346 -15.09 0.73 -4.13
CA PRO B 346 -16.17 -0.21 -3.82
C PRO B 346 -15.99 -0.93 -2.50
N ASN B 347 -14.77 -1.24 -2.15
CA ASN B 347 -14.48 -1.96 -0.92
C ASN B 347 -13.90 -0.94 0.04
N ASN B 348 -14.79 -0.29 0.78
CA ASN B 348 -14.37 0.52 1.90
C ASN B 348 -14.06 -0.33 3.12
N VAL B 349 -14.46 -1.57 3.09
CA VAL B 349 -14.28 -2.53 4.16
C VAL B 349 -12.93 -3.22 3.95
N LYS B 350 -12.27 -3.59 5.04
CA LYS B 350 -11.13 -4.49 4.97
C LYS B 350 -11.28 -5.55 6.04
N THR B 351 -11.52 -6.78 5.59
CA THR B 351 -11.79 -7.89 6.49
C THR B 351 -10.50 -8.36 7.14
N ALA B 352 -10.56 -8.61 8.44
CA ALA B 352 -9.43 -9.13 9.18
C ALA B 352 -9.91 -10.14 10.19
N VAL B 353 -9.35 -11.34 10.16
CA VAL B 353 -9.90 -12.49 10.86
C VAL B 353 -8.87 -13.01 11.84
N CYS B 354 -9.22 -13.00 13.13
CA CYS B 354 -8.40 -13.62 14.15
C CYS B 354 -8.77 -15.08 14.31
N ASP B 355 -8.10 -15.76 15.24
CA ASP B 355 -8.52 -17.09 15.66
C ASP B 355 -8.75 -17.19 17.16
N ILE B 356 -8.51 -16.13 17.92
CA ILE B 356 -8.52 -16.30 19.36
C ILE B 356 -9.46 -15.28 19.99
N PRO B 357 -10.13 -15.63 21.07
CA PRO B 357 -10.84 -14.65 21.85
C PRO B 357 -9.87 -13.97 22.81
N PRO B 358 -10.34 -12.99 23.58
CA PRO B 358 -9.57 -12.59 24.78
C PRO B 358 -9.80 -13.55 25.92
N ARG B 359 -9.34 -13.15 27.12
CA ARG B 359 -9.14 -14.10 28.21
C ARG B 359 -10.47 -14.65 28.73
N GLY B 360 -11.51 -13.84 28.76
CA GLY B 360 -12.77 -14.32 29.29
C GLY B 360 -13.93 -14.28 28.32
N LEU B 361 -13.91 -13.33 27.40
CA LEU B 361 -15.01 -13.15 26.47
C LEU B 361 -14.98 -14.25 25.41
N LYS B 362 -16.15 -14.62 24.91
CA LYS B 362 -16.17 -15.63 23.86
C LYS B 362 -15.85 -15.04 22.49
N MET B 363 -16.28 -13.81 22.22
CA MET B 363 -16.04 -13.24 20.91
C MET B 363 -16.05 -11.72 20.99
N SER B 364 -15.03 -11.10 20.42
CA SER B 364 -14.86 -9.65 20.40
C SER B 364 -14.54 -9.19 18.98
N ALA B 365 -14.39 -7.88 18.83
CA ALA B 365 -14.15 -7.31 17.52
C ALA B 365 -13.41 -5.99 17.68
N THR B 366 -12.77 -5.55 16.59
CA THR B 366 -11.87 -4.40 16.62
C THR B 366 -12.15 -3.49 15.43
N PHE B 367 -12.69 -2.32 15.71
CA PHE B 367 -12.96 -1.32 14.69
C PHE B 367 -11.73 -0.44 14.48
N ILE B 368 -11.33 -0.27 13.23
CA ILE B 368 -10.39 0.79 12.86
C ILE B 368 -10.99 1.54 11.68
N GLY B 369 -11.13 2.85 11.82
CA GLY B 369 -11.91 3.62 10.87
C GLY B 369 -11.18 4.82 10.31
N ASN B 370 -11.59 5.21 9.10
CA ASN B 370 -11.14 6.42 8.43
C ASN B 370 -12.32 6.94 7.63
N SER B 371 -12.99 7.93 8.18
CA SER B 371 -14.06 8.64 7.54
C SER B 371 -13.49 9.86 6.82
N THR B 372 -14.38 10.74 6.39
CA THR B 372 -14.02 12.11 6.11
C THR B 372 -14.40 13.05 7.23
N ALA B 373 -15.07 12.54 8.28
CA ALA B 373 -15.69 13.40 9.28
C ALA B 373 -14.67 14.11 10.16
N ILE B 374 -13.45 13.59 10.23
CA ILE B 374 -12.39 14.17 11.05
C ILE B 374 -11.98 15.56 10.55
N GLN B 375 -12.37 15.92 9.32
CA GLN B 375 -12.46 17.30 8.86
C GLN B 375 -12.99 18.25 9.92
N GLU B 376 -14.16 17.95 10.47
CA GLU B 376 -14.66 18.77 11.57
C GLU B 376 -14.22 18.22 12.92
N LEU B 377 -12.93 17.92 13.00
CA LEU B 377 -12.20 17.88 14.25
C LEU B 377 -11.08 18.91 14.24
N PHE B 378 -10.17 18.81 13.25
CA PHE B 378 -9.04 19.71 13.18
C PHE B 378 -9.47 21.12 12.86
N LYS B 379 -10.51 21.28 12.02
CA LYS B 379 -11.15 22.58 11.84
C LYS B 379 -11.59 23.15 13.18
N ARG B 380 -12.20 22.30 14.01
CA ARG B 380 -12.47 22.61 15.40
C ARG B 380 -11.20 23.07 16.11
N ILE B 381 -10.14 22.26 15.99
CA ILE B 381 -8.85 22.61 16.56
C ILE B 381 -8.30 23.85 15.87
N SER B 382 -8.62 24.04 14.59
CA SER B 382 -8.22 25.28 13.92
C SER B 382 -8.96 26.47 14.50
N GLU B 383 -10.25 26.30 14.76
CA GLU B 383 -11.09 27.45 15.09
C GLU B 383 -10.75 28.00 16.46
N GLN B 384 -10.39 27.13 17.40
CA GLN B 384 -9.87 27.63 18.66
C GLN B 384 -8.50 28.24 18.48
N PHE B 385 -7.68 27.63 17.60
CA PHE B 385 -6.28 28.02 17.43
C PHE B 385 -6.16 29.46 16.96
N THR B 386 -6.81 29.77 15.84
CA THR B 386 -6.79 31.14 15.35
C THR B 386 -7.63 32.07 16.22
N ALA B 387 -8.40 31.55 17.16
CA ALA B 387 -9.19 32.43 18.03
C ALA B 387 -8.28 33.23 18.95
N MET B 388 -7.61 32.54 19.88
CA MET B 388 -6.67 33.19 20.77
C MET B 388 -5.24 33.03 20.28
N PHE B 389 -5.05 33.00 18.97
CA PHE B 389 -3.82 33.47 18.35
C PHE B 389 -3.89 34.96 18.07
N ARG B 390 -5.10 35.47 17.85
CA ARG B 390 -5.29 36.84 17.41
C ARG B 390 -4.88 37.85 18.48
N ARG B 391 -5.15 37.53 19.75
CA ARG B 391 -4.71 38.41 20.84
C ARG B 391 -3.21 38.34 21.04
N LYS B 392 -2.54 37.29 20.54
CA LYS B 392 -1.12 37.01 20.72
C LYS B 392 -0.76 36.89 22.20
N ALA B 393 -1.70 36.46 23.03
CA ALA B 393 -1.61 36.68 24.46
C ALA B 393 -0.78 35.62 25.20
N PHE B 394 -0.58 34.46 24.59
CA PHE B 394 0.27 33.43 25.18
C PHE B 394 1.53 33.23 24.35
N LEU B 395 2.03 34.31 23.76
CA LEU B 395 3.13 34.21 22.84
C LEU B 395 4.48 34.14 23.54
N HIS B 396 4.56 34.60 24.80
CA HIS B 396 5.87 34.77 25.41
C HIS B 396 6.50 33.44 25.83
N TRP B 397 5.67 32.46 26.25
CA TRP B 397 6.20 31.19 26.74
C TRP B 397 6.92 30.43 25.65
N TYR B 398 6.61 30.70 24.39
CA TYR B 398 7.18 29.96 23.28
C TYR B 398 8.33 30.71 22.65
N THR B 399 8.25 32.04 22.62
CA THR B 399 9.38 32.85 22.18
C THR B 399 10.55 32.68 23.13
N GLY B 400 10.26 32.53 24.42
CA GLY B 400 11.29 32.32 25.41
C GLY B 400 12.04 31.00 25.30
N GLU B 401 11.60 30.10 24.43
CA GLU B 401 12.32 28.86 24.20
C GLU B 401 12.88 28.76 22.80
N GLY B 402 13.11 29.90 22.14
CA GLY B 402 13.75 29.90 20.84
C GLY B 402 12.85 29.62 19.67
N MET B 403 11.62 29.18 19.90
CA MET B 403 10.65 29.04 18.81
C MET B 403 10.32 30.41 18.25
N ASP B 404 10.34 30.52 16.93
CA ASP B 404 10.22 31.81 16.28
C ASP B 404 8.81 32.05 15.77
N GLU B 405 8.62 33.22 15.18
CA GLU B 405 7.30 33.67 14.78
C GLU B 405 6.77 32.92 13.58
N MET B 406 7.64 32.67 12.59
CA MET B 406 7.20 32.23 11.27
C MET B 406 6.69 30.80 11.28
N GLU B 407 7.00 30.03 12.33
CA GLU B 407 6.61 28.64 12.42
C GLU B 407 5.10 28.48 12.53
N PHE B 408 4.45 29.43 13.23
CA PHE B 408 3.04 29.30 13.53
C PHE B 408 2.18 29.32 12.29
N THR B 409 2.44 30.28 11.39
CA THR B 409 1.56 30.44 10.26
C THR B 409 1.74 29.30 9.26
N GLU B 410 2.95 28.74 9.21
CA GLU B 410 3.16 27.52 8.43
C GLU B 410 2.38 26.37 9.00
N ALA B 411 2.34 26.24 10.33
CA ALA B 411 1.55 25.19 10.96
C ALA B 411 0.07 25.38 10.67
N GLU B 412 -0.38 26.64 10.68
CA GLU B 412 -1.77 26.95 10.35
C GLU B 412 -2.11 26.57 8.92
N SER B 413 -1.19 26.84 7.99
CA SER B 413 -1.47 26.55 6.59
C SER B 413 -1.44 25.05 6.32
N ASN B 414 -0.54 24.34 6.99
CA ASN B 414 -0.38 22.91 6.71
C ASN B 414 -1.54 22.11 7.29
N MET B 415 -1.89 22.39 8.55
CA MET B 415 -3.08 21.77 9.10
C MET B 415 -4.33 22.28 8.41
N ASN B 416 -4.28 23.53 7.92
CA ASN B 416 -5.41 24.15 7.26
C ASN B 416 -5.76 23.42 5.97
N ASP B 417 -4.79 23.26 5.07
CA ASP B 417 -5.14 22.58 3.83
C ASP B 417 -5.21 21.07 3.99
N LEU B 418 -4.72 20.54 5.12
CA LEU B 418 -5.14 19.19 5.50
C LEU B 418 -6.65 19.12 5.69
N VAL B 419 -7.21 20.09 6.42
CA VAL B 419 -8.67 20.14 6.59
C VAL B 419 -9.34 20.42 5.25
N SER B 420 -8.71 21.23 4.40
CA SER B 420 -9.30 21.58 3.12
C SER B 420 -9.39 20.38 2.20
N GLU B 421 -8.38 19.53 2.19
CA GLU B 421 -8.48 18.36 1.34
C GLU B 421 -9.42 17.31 1.92
N TYR B 422 -9.56 17.27 3.25
CA TYR B 422 -10.63 16.48 3.84
C TYR B 422 -11.99 16.94 3.35
N GLN B 423 -12.18 18.25 3.22
CA GLN B 423 -13.40 18.77 2.64
C GLN B 423 -13.49 18.41 1.16
N GLN B 424 -12.35 18.38 0.48
CA GLN B 424 -12.34 18.11 -0.94
C GLN B 424 -12.63 16.65 -1.25
N TYR B 425 -12.47 15.76 -0.27
CA TYR B 425 -12.90 14.38 -0.46
C TYR B 425 -14.10 14.01 0.36
N GLN B 426 -14.68 14.93 1.15
CA GLN B 426 -15.95 14.63 1.78
C GLN B 426 -17.05 14.59 0.74
N ASP B 427 -17.00 15.52 -0.23
CA ASP B 427 -17.78 15.50 -1.46
C ASP B 427 -19.30 15.43 -1.29
N GLU C 13 -6.38 37.63 -16.31
CA GLU C 13 -5.24 38.45 -15.92
C GLU C 13 -4.03 37.58 -15.64
N GLU C 14 -4.13 36.30 -15.96
CA GLU C 14 -3.07 35.35 -15.73
C GLU C 14 -2.52 34.84 -17.06
N ALA C 15 -1.19 34.90 -17.21
CA ALA C 15 -0.54 34.35 -18.39
C ALA C 15 -0.39 32.83 -18.23
N PRO C 16 -0.60 32.07 -19.29
CA PRO C 16 -0.49 30.62 -19.19
C PRO C 16 0.96 30.16 -19.09
N VAL C 17 1.13 28.94 -18.61
CA VAL C 17 2.44 28.32 -18.50
C VAL C 17 2.95 28.02 -19.92
N ARG C 18 4.08 28.63 -20.27
CA ARG C 18 4.65 28.47 -21.60
C ARG C 18 5.32 27.11 -21.72
N VAL C 19 5.14 26.47 -22.87
CA VAL C 19 5.41 25.05 -23.05
C VAL C 19 6.48 24.89 -24.12
N ALA C 20 7.62 24.30 -23.74
CA ALA C 20 8.73 24.09 -24.67
C ALA C 20 9.33 22.71 -24.45
N LEU C 21 10.00 22.21 -25.49
CA LEU C 21 10.56 20.86 -25.47
C LEU C 21 11.90 20.85 -26.18
N ARG C 22 12.81 19.99 -25.71
CA ARG C 22 14.14 19.85 -26.29
C ARG C 22 14.42 18.41 -26.66
N VAL C 23 15.01 18.21 -27.84
CA VAL C 23 15.57 16.93 -28.26
C VAL C 23 17.08 17.01 -28.09
N ARG C 24 17.68 15.96 -27.52
CA ARG C 24 19.13 15.92 -27.40
C ARG C 24 19.76 15.29 -28.65
N PRO C 25 21.02 15.59 -28.93
CA PRO C 25 21.73 14.83 -29.96
C PRO C 25 22.03 13.41 -29.50
N LEU C 26 22.26 12.54 -30.47
CA LEU C 26 22.41 11.12 -30.21
C LEU C 26 23.89 10.76 -30.05
N LEU C 27 24.21 10.07 -28.97
CA LEU C 27 25.57 9.61 -28.71
C LEU C 27 25.87 8.35 -29.51
N PRO C 28 27.15 8.11 -29.84
CA PRO C 28 27.50 6.89 -30.59
C PRO C 28 27.31 5.61 -29.80
N LYS C 29 27.24 5.69 -28.46
CA LYS C 29 26.96 4.50 -27.67
C LYS C 29 25.54 4.00 -27.85
N GLU C 30 24.61 4.86 -28.29
CA GLU C 30 23.30 4.42 -28.72
C GLU C 30 23.14 4.37 -30.23
N LEU C 31 23.93 5.15 -30.97
CA LEU C 31 23.85 5.13 -32.43
C LEU C 31 24.39 3.82 -32.99
N LEU C 32 25.56 3.39 -32.51
CA LEU C 32 26.18 2.18 -33.06
C LEU C 32 25.50 0.91 -32.57
N HIS C 33 24.75 0.98 -31.47
CA HIS C 33 23.98 -0.18 -31.00
C HIS C 33 22.61 -0.28 -31.66
N GLY C 34 22.28 0.63 -32.56
CA GLY C 34 21.10 0.48 -33.39
C GLY C 34 19.86 1.20 -32.92
N HIS C 35 19.98 2.15 -31.99
CA HIS C 35 18.82 2.92 -31.56
C HIS C 35 18.47 3.91 -32.66
N GLN C 36 17.44 3.58 -33.42
CA GLN C 36 16.98 4.44 -34.51
C GLN C 36 16.29 5.68 -33.96
N SER C 37 16.29 6.73 -34.77
CA SER C 37 15.67 7.99 -34.38
C SER C 37 14.16 7.84 -34.46
N CYS C 38 13.54 7.50 -33.33
CA CYS C 38 12.09 7.36 -33.27
C CYS C 38 11.37 8.69 -33.29
N LEU C 39 12.09 9.79 -33.03
CA LEU C 39 11.53 11.12 -33.07
C LEU C 39 11.56 11.67 -34.49
N GLN C 40 10.87 12.80 -34.67
CA GLN C 40 10.97 13.60 -35.88
C GLN C 40 11.20 15.04 -35.43
N VAL C 41 12.46 15.48 -35.52
CA VAL C 41 12.86 16.78 -35.01
C VAL C 41 12.33 17.86 -35.95
N GLU C 42 11.39 18.66 -35.46
CA GLU C 42 10.77 19.74 -36.23
C GLU C 42 10.80 21.00 -35.39
N PRO C 43 11.95 21.71 -35.36
CA PRO C 43 12.10 22.85 -34.45
C PRO C 43 11.29 24.07 -34.85
N GLY C 44 11.30 24.46 -36.12
CA GLY C 44 10.59 25.65 -36.55
C GLY C 44 9.10 25.47 -36.70
N LEU C 45 8.63 24.23 -36.78
CA LEU C 45 7.23 23.98 -37.04
C LEU C 45 6.36 24.10 -35.79
N GLY C 46 6.95 24.19 -34.61
CA GLY C 46 6.16 24.27 -33.40
C GLY C 46 5.45 22.99 -33.02
N ARG C 47 5.91 21.85 -33.53
CA ARG C 47 5.28 20.56 -33.28
C ARG C 47 6.32 19.48 -33.49
N VAL C 48 5.99 18.27 -33.08
CA VAL C 48 6.91 17.15 -33.19
C VAL C 48 6.12 15.89 -33.53
N THR C 49 6.52 15.21 -34.59
CA THR C 49 5.89 13.98 -35.02
C THR C 49 6.52 12.81 -34.28
N LEU C 50 5.69 11.99 -33.65
CA LEU C 50 6.14 10.75 -33.04
C LEU C 50 5.41 9.59 -33.68
N GLY C 51 6.17 8.60 -34.17
CA GLY C 51 5.59 7.49 -34.89
C GLY C 51 5.01 7.91 -36.23
N ARG C 52 3.69 7.86 -36.35
CA ARG C 52 3.03 8.34 -37.56
C ARG C 52 1.76 9.13 -37.30
N ASP C 53 1.31 9.25 -36.04
CA ASP C 53 0.07 9.97 -35.75
C ASP C 53 0.20 10.92 -34.57
N ARG C 54 1.17 10.75 -33.68
CA ARG C 54 1.29 11.59 -32.50
C ARG C 54 1.86 12.95 -32.90
N HIS C 55 1.04 13.99 -32.83
CA HIS C 55 1.42 15.35 -33.15
C HIS C 55 1.02 16.24 -31.98
N PHE C 56 2.00 16.80 -31.29
CA PHE C 56 1.75 17.57 -30.08
C PHE C 56 2.11 19.04 -30.30
N GLY C 57 1.61 19.88 -29.38
CA GLY C 57 1.78 21.32 -29.47
C GLY C 57 2.84 21.80 -28.50
N PHE C 58 3.77 22.60 -29.02
CA PHE C 58 4.83 23.22 -28.24
C PHE C 58 5.12 24.59 -28.79
N HIS C 59 5.39 25.53 -27.88
CA HIS C 59 5.65 26.90 -28.30
C HIS C 59 7.03 27.02 -28.94
N VAL C 60 8.05 26.53 -28.26
CA VAL C 60 9.41 26.48 -28.78
C VAL C 60 9.86 25.03 -28.80
N VAL C 61 10.11 24.51 -30.00
CA VAL C 61 10.66 23.17 -30.17
C VAL C 61 12.15 23.32 -30.40
N LEU C 62 12.96 22.64 -29.59
CA LEU C 62 14.41 22.75 -29.67
C LEU C 62 14.98 21.56 -30.42
N ALA C 63 15.75 21.84 -31.46
CA ALA C 63 16.38 20.79 -32.24
C ALA C 63 17.55 20.19 -31.49
N GLU C 64 18.06 19.06 -32.00
CA GLU C 64 19.16 18.36 -31.36
C GLU C 64 20.52 18.96 -31.66
N ASP C 65 20.57 20.10 -32.34
CA ASP C 65 21.79 20.87 -32.55
C ASP C 65 21.59 22.32 -32.15
N ALA C 66 20.71 22.57 -31.19
CA ALA C 66 20.34 23.93 -30.82
C ALA C 66 21.43 24.58 -29.96
N GLY C 67 21.38 25.90 -29.89
CA GLY C 67 22.33 26.68 -29.11
C GLY C 67 21.75 27.11 -27.78
N GLN C 68 22.60 27.10 -26.75
CA GLN C 68 22.15 27.44 -25.40
C GLN C 68 21.80 28.91 -25.26
N GLU C 69 22.35 29.76 -26.13
CA GLU C 69 21.90 31.16 -26.19
C GLU C 69 20.50 31.25 -26.78
N ALA C 70 20.20 30.43 -27.78
CA ALA C 70 18.86 30.40 -28.36
C ALA C 70 17.85 29.83 -27.38
N VAL C 71 18.27 28.88 -26.55
CA VAL C 71 17.43 28.43 -25.44
C VAL C 71 17.28 29.56 -24.42
N TYR C 72 18.36 30.32 -24.21
CA TYR C 72 18.36 31.41 -23.25
C TYR C 72 17.49 32.58 -23.70
N GLN C 73 17.41 32.82 -25.01
CA GLN C 73 16.64 33.94 -25.55
C GLN C 73 15.22 33.57 -25.97
N ALA C 74 14.87 32.28 -25.97
CA ALA C 74 13.49 31.92 -26.26
C ALA C 74 12.63 31.96 -25.00
N CYS C 75 13.17 31.53 -23.87
CA CYS C 75 12.40 31.42 -22.63
C CYS C 75 12.97 32.25 -21.50
N VAL C 76 14.29 32.19 -21.27
CA VAL C 76 14.86 32.67 -20.02
C VAL C 76 14.98 34.19 -20.02
N GLN C 77 15.55 34.75 -21.08
CA GLN C 77 15.65 36.21 -21.19
C GLN C 77 14.29 36.94 -21.24
N PRO C 78 13.21 36.42 -21.87
CA PRO C 78 11.90 37.04 -21.61
C PRO C 78 11.43 36.95 -20.17
N LEU C 79 11.86 35.95 -19.42
CA LEU C 79 11.61 35.97 -17.98
C LEU C 79 12.63 36.79 -17.21
N LEU C 80 13.82 37.02 -17.79
CA LEU C 80 14.76 37.94 -17.17
C LEU C 80 14.24 39.37 -17.25
N GLU C 81 13.55 39.70 -18.33
CA GLU C 81 12.80 40.95 -18.36
C GLU C 81 11.65 40.91 -17.36
N ALA C 82 10.99 39.76 -17.24
CA ALA C 82 9.92 39.59 -16.26
C ALA C 82 10.45 39.43 -14.84
N PHE C 83 11.75 39.19 -14.67
CA PHE C 83 12.31 39.20 -13.33
C PHE C 83 12.36 40.61 -12.76
N PHE C 84 12.45 41.62 -13.63
CA PHE C 84 12.37 43.00 -13.20
C PHE C 84 10.94 43.49 -13.05
N GLU C 85 9.94 42.61 -13.22
CA GLU C 85 8.59 42.96 -12.79
C GLU C 85 8.43 42.92 -11.28
N GLY C 86 9.40 42.36 -10.57
CA GLY C 86 9.21 42.10 -9.16
C GLY C 86 8.33 40.92 -8.89
N PHE C 87 8.35 39.91 -9.76
CA PHE C 87 7.51 38.74 -9.60
C PHE C 87 8.29 37.50 -10.00
N ASN C 88 7.77 36.34 -9.61
CA ASN C 88 8.49 35.09 -9.77
C ASN C 88 8.48 34.60 -11.21
N ALA C 89 9.49 33.81 -11.53
CA ALA C 89 9.60 33.13 -12.80
C ALA C 89 10.41 31.86 -12.58
N THR C 90 9.97 30.75 -13.17
CA THR C 90 10.57 29.46 -12.86
C THR C 90 10.68 28.63 -14.12
N VAL C 91 11.87 28.10 -14.37
CA VAL C 91 12.12 27.19 -15.48
C VAL C 91 13.00 26.06 -14.97
N PHE C 92 12.55 24.83 -15.16
CA PHE C 92 13.28 23.64 -14.73
C PHE C 92 13.88 22.94 -15.94
N ALA C 93 14.55 21.82 -15.66
CA ALA C 93 15.15 20.97 -16.69
C ALA C 93 14.67 19.55 -16.44
N TYR C 94 13.70 19.09 -17.23
CA TYR C 94 13.11 17.77 -17.03
C TYR C 94 13.68 16.80 -18.05
N GLY C 95 13.72 15.52 -17.66
CA GLY C 95 14.11 14.48 -18.58
C GLY C 95 14.28 13.17 -17.86
N GLN C 96 14.46 12.12 -18.66
CA GLN C 96 14.74 10.80 -18.13
C GLN C 96 16.23 10.70 -17.81
N THR C 97 16.61 9.66 -17.06
CA THR C 97 18.00 9.44 -16.71
C THR C 97 18.84 9.21 -17.95
N GLY C 98 19.68 10.18 -18.28
CA GLY C 98 20.41 10.18 -19.53
C GLY C 98 19.86 11.10 -20.59
N SER C 99 19.13 12.14 -20.22
CA SER C 99 18.58 13.07 -21.19
C SER C 99 19.43 14.32 -21.37
N GLY C 100 20.31 14.63 -20.43
CA GLY C 100 21.16 15.79 -20.58
C GLY C 100 20.65 17.00 -19.83
N LYS C 101 20.08 16.76 -18.65
CA LYS C 101 19.59 17.85 -17.81
C LYS C 101 20.74 18.67 -17.23
N THR C 102 21.92 18.06 -17.12
CA THR C 102 23.11 18.79 -16.70
C THR C 102 23.49 19.85 -17.73
N TYR C 103 23.44 19.50 -19.01
CA TYR C 103 23.78 20.45 -20.06
C TYR C 103 22.70 21.49 -20.27
N THR C 104 21.47 21.22 -19.82
CA THR C 104 20.30 22.02 -20.19
C THR C 104 20.39 23.44 -19.63
N MET C 105 20.77 23.57 -18.37
CA MET C 105 20.96 24.89 -17.77
C MET C 105 22.42 25.29 -17.67
N GLY C 106 23.33 24.33 -17.58
CA GLY C 106 24.75 24.64 -17.57
C GLY C 106 25.38 24.80 -16.20
N GLU C 107 25.20 23.81 -15.34
CA GLU C 107 25.94 23.70 -14.09
C GLU C 107 26.55 22.32 -14.01
N ALA C 108 27.56 22.19 -13.13
CA ALA C 108 28.40 20.99 -13.00
C ALA C 108 29.03 20.59 -14.32
N SER C 109 29.49 21.59 -15.08
CA SER C 109 30.11 21.38 -16.38
C SER C 109 31.08 22.52 -16.63
N VAL C 110 32.36 22.20 -16.76
CA VAL C 110 33.41 23.20 -16.90
C VAL C 110 34.25 22.87 -18.14
N ALA C 111 33.88 23.47 -19.27
CA ALA C 111 34.74 23.52 -20.45
C ALA C 111 35.15 24.95 -20.76
N SER C 112 34.16 25.82 -21.02
CA SER C 112 34.30 27.28 -21.10
C SER C 112 35.33 27.73 -22.13
N LEU C 113 35.31 27.06 -23.28
CA LEU C 113 36.19 27.37 -24.40
C LEU C 113 35.34 28.12 -25.41
N LEU C 114 34.34 27.44 -25.95
CA LEU C 114 33.41 28.04 -26.90
C LEU C 114 32.38 28.78 -26.06
N GLU C 115 32.24 28.30 -24.83
CA GLU C 115 31.32 28.86 -23.85
C GLU C 115 29.89 28.41 -24.06
N ASP C 116 29.60 27.73 -25.17
CA ASP C 116 28.29 27.13 -25.39
C ASP C 116 28.12 25.86 -24.58
N GLU C 117 29.22 25.28 -24.08
CA GLU C 117 29.15 24.09 -23.25
C GLU C 117 28.47 24.39 -21.91
N GLN C 118 28.84 25.49 -21.28
CA GLN C 118 28.02 25.97 -20.19
C GLN C 118 26.82 26.71 -20.76
N GLY C 119 25.69 26.59 -20.09
CA GLY C 119 24.46 27.10 -20.62
C GLY C 119 23.94 28.33 -19.92
N ILE C 120 22.69 28.24 -19.46
CA ILE C 120 21.90 29.40 -19.07
C ILE C 120 22.43 30.07 -17.80
N VAL C 121 23.02 29.29 -16.90
CA VAL C 121 23.38 29.78 -15.56
C VAL C 121 24.50 30.80 -15.61
N PRO C 122 25.62 30.63 -16.34
CA PRO C 122 26.54 31.77 -16.49
C PRO C 122 26.02 32.84 -17.43
N ARG C 123 25.04 32.52 -18.28
CA ARG C 123 24.43 33.54 -19.13
C ARG C 123 23.49 34.43 -18.32
N ALA C 124 22.72 33.83 -17.41
CA ALA C 124 21.81 34.62 -16.60
C ALA C 124 22.51 35.28 -15.42
N MET C 125 23.61 34.70 -14.93
CA MET C 125 24.35 35.38 -13.87
C MET C 125 25.31 36.42 -14.43
N ALA C 126 25.95 36.11 -15.56
CA ALA C 126 26.76 37.11 -16.26
C ALA C 126 25.91 38.28 -16.73
N GLU C 127 24.74 37.97 -17.30
CA GLU C 127 23.80 39.02 -17.65
C GLU C 127 23.20 39.68 -16.41
N ALA C 128 23.16 38.97 -15.29
CA ALA C 128 22.69 39.59 -14.05
C ALA C 128 23.67 40.64 -13.56
N PHE C 129 24.98 40.37 -13.65
CA PHE C 129 25.95 41.42 -13.40
C PHE C 129 25.94 42.48 -14.50
N LYS C 130 25.48 42.14 -15.71
CA LYS C 130 25.29 43.19 -16.70
C LYS C 130 24.12 44.10 -16.35
N LEU C 131 23.11 43.57 -15.65
CA LEU C 131 21.95 44.36 -15.26
C LEU C 131 22.15 45.10 -13.95
N ILE C 132 23.16 44.73 -13.15
CA ILE C 132 23.58 45.58 -12.05
C ILE C 132 24.24 46.84 -12.59
N ASP C 133 24.90 46.73 -13.74
CA ASP C 133 25.62 47.86 -14.31
C ASP C 133 24.66 48.95 -14.79
N GLU C 134 23.59 48.57 -15.47
CA GLU C 134 22.66 49.56 -16.00
C GLU C 134 21.76 50.14 -14.91
N ASN C 135 20.97 49.29 -14.27
CA ASN C 135 19.99 49.74 -13.29
C ASN C 135 20.70 50.00 -11.96
N ASP C 136 21.35 51.16 -11.89
CA ASP C 136 21.97 51.65 -10.67
C ASP C 136 21.02 52.47 -9.81
N LEU C 137 19.71 52.37 -10.06
CA LEU C 137 18.72 53.18 -9.37
C LEU C 137 18.19 52.46 -8.13
N LEU C 138 17.61 51.28 -8.30
CA LEU C 138 17.07 50.53 -7.18
C LEU C 138 18.19 49.88 -6.39
N ASP C 139 18.09 49.96 -5.07
CA ASP C 139 19.09 49.39 -4.17
C ASP C 139 18.93 47.87 -4.21
N CYS C 140 19.84 47.20 -4.92
CA CYS C 140 19.71 45.78 -5.19
C CYS C 140 21.03 45.06 -4.95
N LEU C 141 20.95 43.93 -4.26
CA LEU C 141 22.10 43.05 -4.05
C LEU C 141 21.58 41.63 -3.99
N VAL C 142 22.10 40.75 -4.85
CA VAL C 142 21.54 39.43 -5.06
C VAL C 142 22.23 38.44 -4.13
N HIS C 143 21.45 37.65 -3.41
CA HIS C 143 21.94 36.47 -2.71
C HIS C 143 21.24 35.25 -3.28
N VAL C 144 21.97 34.13 -3.33
CA VAL C 144 21.47 32.88 -3.90
C VAL C 144 21.59 31.78 -2.87
N SER C 145 20.99 30.64 -3.21
CA SER C 145 21.03 29.44 -2.38
C SER C 145 21.18 28.25 -3.30
N TYR C 146 21.75 27.16 -2.77
CA TYR C 146 22.01 25.97 -3.58
C TYR C 146 21.81 24.74 -2.71
N LEU C 147 20.68 24.06 -2.89
CA LEU C 147 20.21 23.01 -1.99
C LEU C 147 20.06 21.68 -2.71
N GLU C 148 19.88 20.63 -1.90
CA GLU C 148 19.69 19.27 -2.40
C GLU C 148 18.36 18.72 -1.91
N VAL C 149 17.65 18.03 -2.80
CA VAL C 149 16.49 17.23 -2.43
C VAL C 149 16.84 15.77 -2.65
N TYR C 150 17.02 15.04 -1.56
CA TYR C 150 17.61 13.70 -1.62
C TYR C 150 16.92 12.83 -0.59
N LYS C 151 16.25 11.78 -1.08
CA LYS C 151 15.50 10.81 -0.27
C LYS C 151 14.42 11.49 0.56
N GLU C 152 13.81 12.53 -0.01
CA GLU C 152 12.89 13.46 0.67
C GLU C 152 13.51 14.04 1.93
N GLU C 153 14.80 14.38 1.86
CA GLU C 153 15.49 15.11 2.91
C GLU C 153 16.36 16.17 2.28
N PHE C 154 16.57 17.27 2.99
CA PHE C 154 17.34 18.37 2.46
C PHE C 154 18.80 18.29 2.88
N ARG C 155 19.62 19.08 2.19
CA ARG C 155 21.05 19.17 2.49
C ARG C 155 21.56 20.48 1.91
N ASP C 156 22.15 21.31 2.75
CA ASP C 156 22.74 22.57 2.31
C ASP C 156 24.02 22.24 1.56
N LEU C 157 23.96 22.29 0.23
CA LEU C 157 25.12 21.94 -0.58
C LEU C 157 26.21 22.99 -0.51
N LEU C 158 25.89 24.19 -0.05
CA LEU C 158 26.90 25.23 0.16
C LEU C 158 27.66 25.06 1.46
N GLU C 159 27.39 24.01 2.22
CA GLU C 159 28.03 23.75 3.50
C GLU C 159 28.40 22.28 3.58
N VAL C 160 29.53 21.99 4.24
CA VAL C 160 29.97 20.61 4.41
C VAL C 160 29.12 19.82 5.40
N GLY C 161 28.30 20.50 6.20
CA GLY C 161 27.42 19.81 7.11
C GLY C 161 26.47 20.72 7.84
N THR C 162 25.18 20.38 7.83
CA THR C 162 24.15 21.13 8.52
C THR C 162 23.05 20.14 8.85
N ALA C 163 22.48 20.25 10.04
CA ALA C 163 21.52 19.27 10.53
C ALA C 163 20.23 19.28 9.74
N SER C 164 19.67 18.09 9.53
CA SER C 164 18.40 17.98 8.82
C SER C 164 17.24 18.46 9.67
N ARG C 165 17.38 18.39 11.00
CA ARG C 165 16.37 18.98 11.88
C ARG C 165 16.40 20.51 11.83
N ASP C 166 17.52 21.09 11.41
CA ASP C 166 17.61 22.53 11.23
C ASP C 166 17.10 22.99 9.87
N ILE C 167 17.42 22.25 8.81
CA ILE C 167 17.05 22.69 7.47
C ILE C 167 15.58 22.34 7.25
N GLN C 168 14.70 23.28 7.57
CA GLN C 168 13.27 23.11 7.38
C GLN C 168 12.75 24.35 6.68
N LEU C 169 11.53 24.26 6.17
CA LEU C 169 10.91 25.35 5.44
C LEU C 169 9.89 26.06 6.31
N ARG C 170 9.44 27.22 5.83
CA ARG C 170 8.47 28.05 6.54
C ARG C 170 7.35 28.43 5.58
N GLU C 171 6.31 29.03 6.13
CA GLU C 171 5.23 29.60 5.32
C GLU C 171 4.58 30.71 6.12
N ASP C 172 4.33 31.83 5.45
CA ASP C 172 3.82 33.03 6.10
C ASP C 172 2.32 33.21 5.85
N GLU C 173 1.78 34.33 6.35
CA GLU C 173 0.39 34.68 6.10
C GLU C 173 0.18 35.30 4.73
N ARG C 174 1.25 35.83 4.13
CA ARG C 174 1.13 36.43 2.81
C ARG C 174 1.01 35.35 1.73
N GLY C 175 1.70 34.22 1.90
CA GLY C 175 1.57 33.12 0.98
C GLY C 175 2.87 32.70 0.32
N ASN C 176 3.99 32.96 0.97
CA ASN C 176 5.30 32.59 0.45
C ASN C 176 5.90 31.48 1.29
N VAL C 177 7.11 31.08 0.91
CA VAL C 177 7.84 30.00 1.56
C VAL C 177 9.24 30.52 1.91
N VAL C 178 9.60 30.41 3.19
CA VAL C 178 10.88 30.89 3.70
C VAL C 178 11.73 29.69 4.09
N LEU C 179 13.00 29.73 3.74
CA LEU C 179 13.93 28.66 4.06
C LEU C 179 14.65 28.93 5.38
N CYS C 180 15.17 27.86 5.97
CA CYS C 180 15.92 27.94 7.21
C CYS C 180 17.09 26.96 7.14
N GLY C 181 18.17 27.29 7.84
CA GLY C 181 19.36 26.48 7.80
C GLY C 181 20.06 26.49 6.47
N VAL C 182 20.02 27.62 5.76
CA VAL C 182 20.54 27.73 4.41
C VAL C 182 21.62 28.79 4.39
N LYS C 183 22.82 28.41 3.98
CA LYS C 183 23.92 29.35 3.86
C LYS C 183 23.69 30.27 2.67
N GLU C 184 23.53 31.56 2.94
CA GLU C 184 23.24 32.57 1.92
C GLU C 184 24.45 33.48 1.75
N VAL C 185 24.95 33.58 0.52
CA VAL C 185 26.10 34.40 0.20
C VAL C 185 25.70 35.36 -0.92
N ASP C 186 26.02 36.63 -0.76
CA ASP C 186 25.76 37.64 -1.78
C ASP C 186 26.66 37.42 -3.00
N VAL C 187 26.43 38.20 -4.04
CA VAL C 187 27.23 38.12 -5.24
C VAL C 187 28.09 39.38 -5.36
N GLU C 188 29.31 39.19 -5.84
CA GLU C 188 30.19 40.27 -6.24
C GLU C 188 30.86 40.05 -7.59
N GLY C 189 30.98 38.80 -8.03
CA GLY C 189 31.59 38.50 -9.31
C GLY C 189 31.16 37.14 -9.78
N LEU C 190 31.17 36.97 -11.11
CA LEU C 190 30.85 35.68 -11.70
C LEU C 190 31.90 34.62 -11.36
N ASP C 191 33.12 35.04 -11.01
CA ASP C 191 34.11 34.12 -10.45
C ASP C 191 33.66 33.58 -9.09
N GLU C 192 33.02 34.42 -8.28
CA GLU C 192 32.48 33.94 -7.01
C GLU C 192 31.24 33.08 -7.23
N VAL C 193 30.44 33.42 -8.24
CA VAL C 193 29.24 32.65 -8.55
C VAL C 193 29.62 31.24 -9.02
N LEU C 194 30.54 31.16 -9.97
CA LEU C 194 31.05 29.88 -10.44
C LEU C 194 31.93 29.18 -9.41
N SER C 195 32.46 29.92 -8.43
CA SER C 195 33.16 29.28 -7.33
C SER C 195 32.18 28.60 -6.39
N LEU C 196 31.03 29.23 -6.14
CA LEU C 196 29.99 28.60 -5.34
C LEU C 196 29.34 27.43 -6.08
N LEU C 197 29.18 27.56 -7.39
CA LEU C 197 28.66 26.44 -8.18
C LEU C 197 29.67 25.31 -8.25
N GLU C 198 30.96 25.64 -8.28
CA GLU C 198 32.01 24.62 -8.31
C GLU C 198 32.08 23.86 -6.99
N MET C 199 32.13 24.59 -5.88
CA MET C 199 32.19 23.96 -4.57
C MET C 199 30.90 23.22 -4.23
N GLY C 200 29.76 23.74 -4.70
CA GLY C 200 28.49 23.08 -4.46
C GLY C 200 28.33 21.82 -5.29
N ASN C 201 28.71 21.88 -6.57
CA ASN C 201 28.65 20.69 -7.42
C ASN C 201 29.69 19.66 -7.02
N ALA C 202 30.78 20.08 -6.39
CA ALA C 202 31.68 19.12 -5.76
C ALA C 202 31.05 18.51 -4.53
N ALA C 203 30.19 19.25 -3.84
CA ALA C 203 29.50 18.79 -2.64
C ALA C 203 28.21 18.06 -2.95
N ARG C 204 27.89 17.86 -4.22
CA ARG C 204 26.72 17.09 -4.60
C ARG C 204 26.93 15.62 -4.25
N HIS C 205 25.93 15.04 -3.57
CA HIS C 205 25.96 13.66 -3.05
C HIS C 205 27.18 13.36 -2.19
N LEU C 211 30.83 5.75 -11.40
CA LEU C 211 30.23 6.13 -12.68
C LEU C 211 30.58 7.59 -12.97
N ASN C 212 30.27 8.05 -14.19
CA ASN C 212 30.64 9.40 -14.59
C ASN C 212 29.81 10.49 -13.92
N HIS C 213 28.48 10.40 -13.99
CA HIS C 213 27.59 11.29 -13.23
C HIS C 213 27.47 10.81 -11.78
N LEU C 214 27.66 9.49 -11.66
CA LEU C 214 27.88 8.69 -10.46
C LEU C 214 26.64 8.52 -9.57
N SER C 215 25.61 9.35 -9.74
CA SER C 215 24.25 8.95 -9.41
C SER C 215 23.26 9.58 -10.38
N SER C 216 23.56 10.83 -10.77
CA SER C 216 22.62 11.81 -11.33
C SER C 216 21.26 11.77 -10.63
N ARG C 217 21.26 11.71 -9.29
CA ARG C 217 20.06 11.25 -8.60
C ARG C 217 19.25 12.41 -8.03
N SER C 218 19.85 13.17 -7.12
CA SER C 218 19.08 14.12 -6.32
C SER C 218 18.77 15.38 -7.12
N HIS C 219 17.77 16.10 -6.63
CA HIS C 219 17.45 17.41 -7.19
C HIS C 219 18.45 18.43 -6.67
N THR C 220 19.08 19.15 -7.58
CA THR C 220 19.95 20.25 -7.24
C THR C 220 19.20 21.54 -7.51
N VAL C 221 18.83 22.25 -6.45
CA VAL C 221 17.97 23.42 -6.54
C VAL C 221 18.79 24.66 -6.27
N PHE C 222 18.89 25.54 -7.25
CA PHE C 222 19.64 26.77 -7.15
C PHE C 222 18.68 27.94 -7.32
N THR C 223 18.37 28.62 -6.21
CA THR C 223 17.39 29.70 -6.23
C THR C 223 18.11 31.05 -6.19
N VAL C 224 17.79 31.90 -7.16
CA VAL C 224 18.33 33.26 -7.23
C VAL C 224 17.29 34.20 -6.63
N THR C 225 17.73 35.04 -5.68
CA THR C 225 16.83 35.92 -4.95
C THR C 225 17.32 37.35 -5.03
N LEU C 226 16.46 38.25 -5.51
CA LEU C 226 16.72 39.68 -5.49
C LEU C 226 15.43 40.42 -5.19
N GLU C 227 15.32 40.96 -3.98
CA GLU C 227 14.20 41.84 -3.66
C GLU C 227 14.38 43.16 -4.38
N GLN C 228 13.26 43.74 -4.81
CA GLN C 228 13.24 45.01 -5.53
C GLN C 228 12.45 46.00 -4.70
N ARG C 229 13.16 46.96 -4.09
CA ARG C 229 12.56 47.93 -3.20
C ARG C 229 11.65 48.87 -3.98
N GLY C 230 10.34 48.73 -3.79
CA GLY C 230 9.39 49.55 -4.53
C GLY C 230 9.42 50.99 -4.04
N ARG C 231 9.32 51.92 -4.99
CA ARG C 231 9.43 53.33 -4.69
C ARG C 231 8.18 54.07 -5.16
N PRO C 241 11.96 52.38 1.14
CA PRO C 241 11.02 52.76 2.20
C PRO C 241 9.56 52.76 1.74
N GLY C 242 9.04 51.56 1.47
CA GLY C 242 7.66 51.45 1.03
C GLY C 242 7.21 50.00 0.86
N GLN C 243 6.36 49.76 -0.13
CA GLN C 243 5.89 48.40 -0.42
C GLN C 243 7.00 47.60 -1.07
N LEU C 244 7.52 46.63 -0.34
CA LEU C 244 8.64 45.82 -0.84
C LEU C 244 8.12 44.83 -1.88
N LEU C 245 8.83 44.74 -3.01
CA LEU C 245 8.38 43.95 -4.15
C LEU C 245 9.43 42.87 -4.42
N VAL C 246 9.13 41.64 -4.02
CA VAL C 246 10.09 40.54 -3.95
C VAL C 246 10.08 39.79 -5.28
N SER C 247 11.28 39.53 -5.81
CA SER C 247 11.43 38.80 -7.07
C SER C 247 12.44 37.67 -6.90
N LYS C 248 12.04 36.46 -7.26
CA LYS C 248 12.92 35.30 -7.21
C LYS C 248 12.93 34.61 -8.57
N PHE C 249 14.10 34.13 -8.97
CA PHE C 249 14.25 33.37 -10.20
C PHE C 249 14.90 32.05 -9.86
N HIS C 250 14.54 30.99 -10.60
CA HIS C 250 14.74 29.63 -10.12
C HIS C 250 15.47 28.79 -11.13
N PHE C 251 16.66 28.33 -10.76
CA PHE C 251 17.38 27.26 -11.46
C PHE C 251 17.14 25.98 -10.68
N VAL C 252 16.04 25.32 -10.97
CA VAL C 252 15.66 24.09 -10.27
C VAL C 252 15.94 22.94 -11.23
N ASP C 253 17.06 22.27 -11.03
CA ASP C 253 17.42 21.13 -11.85
C ASP C 253 16.74 19.89 -11.30
N LEU C 254 15.97 19.22 -12.16
CA LEU C 254 15.17 18.08 -11.74
C LEU C 254 16.02 16.81 -11.72
N ALA C 255 15.37 15.66 -11.64
CA ALA C 255 16.04 14.37 -11.62
C ALA C 255 15.69 13.56 -12.86
N GLY C 256 16.34 12.41 -12.98
CA GLY C 256 16.00 11.49 -14.04
C GLY C 256 14.69 10.79 -13.74
N SER C 257 13.93 10.49 -14.80
CA SER C 257 12.56 9.99 -14.68
C SER C 257 12.43 8.57 -15.21
N GLU C 258 13.34 7.69 -14.79
CA GLU C 258 13.20 6.28 -15.13
C GLU C 258 12.00 5.68 -14.41
N ARG C 259 11.23 4.87 -15.15
CA ARG C 259 9.95 4.39 -14.65
C ARG C 259 9.91 2.86 -14.64
N VAL C 260 10.21 2.28 -15.82
CA VAL C 260 10.03 0.86 -16.07
C VAL C 260 11.12 0.06 -15.35
N LEU C 261 12.27 0.71 -15.14
CA LEU C 261 13.58 0.04 -15.13
C LEU C 261 13.72 -0.90 -13.93
N LYS C 262 13.30 -2.13 -14.16
CA LYS C 262 13.74 -3.31 -13.45
C LYS C 262 15.17 -3.68 -13.79
N THR C 263 15.61 -3.38 -15.01
CA THR C 263 16.89 -3.83 -15.54
C THR C 263 18.01 -2.84 -15.26
N GLY C 264 17.69 -1.73 -14.60
CA GLY C 264 18.69 -0.71 -14.33
C GLY C 264 19.19 -0.74 -12.92
N SER C 265 18.63 0.14 -12.08
CA SER C 265 19.07 0.37 -10.70
C SER C 265 18.79 -0.86 -9.85
N THR C 266 19.87 -1.47 -9.35
CA THR C 266 19.76 -2.68 -8.55
C THR C 266 20.47 -2.51 -7.20
N GLY C 267 20.24 -3.46 -6.30
CA GLY C 267 20.97 -3.56 -5.06
C GLY C 267 20.64 -2.53 -4.00
N GLU C 268 21.66 -1.90 -3.44
CA GLU C 268 21.48 -0.79 -2.52
C GLU C 268 21.16 0.46 -3.34
N ARG C 269 21.68 0.49 -4.57
CA ARG C 269 21.42 1.60 -5.48
C ARG C 269 20.01 1.55 -6.03
N LEU C 270 19.37 0.37 -5.93
CA LEU C 270 17.91 0.27 -6.09
C LEU C 270 17.18 1.14 -5.08
N LYS C 271 17.64 1.14 -3.82
CA LYS C 271 16.99 1.94 -2.80
C LYS C 271 17.23 3.43 -3.02
N GLU C 272 18.33 3.77 -3.69
CA GLU C 272 18.59 5.16 -4.03
C GLU C 272 17.61 5.64 -5.10
N SER C 273 17.26 4.78 -6.04
CA SER C 273 16.38 5.20 -7.13
C SER C 273 14.92 5.18 -6.74
N ILE C 274 14.53 4.29 -5.83
CA ILE C 274 13.12 3.96 -5.67
C ILE C 274 12.36 5.04 -4.89
N GLN C 275 13.03 5.77 -3.98
CA GLN C 275 12.31 6.71 -3.15
C GLN C 275 12.02 8.01 -3.89
N ILE C 276 12.97 8.44 -4.72
CA ILE C 276 12.73 9.60 -5.57
C ILE C 276 11.79 9.24 -6.72
N ASN C 277 11.69 7.95 -7.05
CA ASN C 277 10.81 7.51 -8.12
C ASN C 277 9.35 7.72 -7.77
N SER C 278 9.00 7.56 -6.48
CA SER C 278 7.67 7.93 -6.04
C SER C 278 7.48 9.43 -6.05
N SER C 279 8.55 10.19 -5.83
CA SER C 279 8.45 11.64 -5.85
C SER C 279 8.22 12.17 -7.26
N LEU C 280 8.68 11.43 -8.26
CA LEU C 280 8.48 11.81 -9.66
C LEU C 280 7.00 11.85 -10.02
N LEU C 281 6.32 10.70 -9.90
CA LEU C 281 4.88 10.68 -10.15
C LEU C 281 4.07 11.30 -9.04
N ALA C 282 4.69 11.64 -7.91
CA ALA C 282 4.05 12.57 -6.99
C ALA C 282 3.95 13.94 -7.62
N LEU C 283 5.06 14.42 -8.22
CA LEU C 283 5.04 15.71 -8.92
C LEU C 283 4.10 15.67 -10.11
N GLY C 284 4.15 14.59 -10.89
CA GLY C 284 3.21 14.45 -12.00
C GLY C 284 1.78 14.32 -11.54
N ASN C 285 1.57 13.77 -10.34
CA ASN C 285 0.22 13.74 -9.77
C ASN C 285 -0.22 15.13 -9.37
N VAL C 286 0.72 15.99 -8.95
CA VAL C 286 0.38 17.36 -8.61
C VAL C 286 0.00 18.15 -9.85
N ILE C 287 0.89 18.16 -10.85
CA ILE C 287 0.73 19.07 -11.98
C ILE C 287 -0.43 18.69 -12.90
N SER C 288 -0.97 17.48 -12.77
CA SER C 288 -2.08 17.03 -13.59
C SER C 288 -3.43 17.24 -12.93
N ALA C 289 -3.44 17.90 -11.77
CA ALA C 289 -4.69 18.14 -11.05
C ALA C 289 -5.24 19.53 -11.32
N LEU C 290 -4.73 20.23 -12.33
CA LEU C 290 -5.17 21.57 -12.66
C LEU C 290 -5.99 21.62 -13.94
N GLY C 291 -5.44 21.13 -15.05
CA GLY C 291 -6.07 21.27 -16.34
C GLY C 291 -7.23 20.35 -16.60
N ASP C 292 -7.51 19.40 -15.70
CA ASP C 292 -8.57 18.40 -15.92
C ASP C 292 -9.54 18.46 -14.76
N PRO C 293 -10.56 19.33 -14.80
CA PRO C 293 -11.54 19.39 -13.71
C PRO C 293 -12.72 18.45 -13.88
N GLN C 294 -12.57 17.38 -14.70
CA GLN C 294 -13.72 16.61 -15.17
C GLN C 294 -14.44 15.85 -14.07
N ARG C 295 -13.73 15.42 -13.02
CA ARG C 295 -14.35 14.68 -11.92
C ARG C 295 -13.77 15.24 -10.62
N ARG C 296 -14.40 16.31 -10.12
CA ARG C 296 -14.19 16.93 -8.80
C ARG C 296 -12.70 17.15 -8.48
N GLY C 297 -12.13 18.10 -9.22
CA GLY C 297 -10.71 18.38 -9.23
C GLY C 297 -10.24 19.07 -7.97
N SER C 298 -10.01 18.27 -6.94
CA SER C 298 -9.81 18.66 -5.56
C SER C 298 -8.58 19.50 -5.26
N HIS C 299 -8.37 19.79 -3.97
CA HIS C 299 -7.25 20.60 -3.49
C HIS C 299 -5.91 20.01 -3.93
N ILE C 300 -5.03 20.89 -4.37
CA ILE C 300 -3.79 20.50 -5.02
C ILE C 300 -2.79 20.05 -3.94
N PRO C 301 -2.34 18.82 -3.96
CA PRO C 301 -1.50 18.30 -2.87
C PRO C 301 -0.02 18.63 -3.03
N TYR C 302 0.32 19.89 -2.77
CA TYR C 302 1.72 20.31 -2.82
C TYR C 302 2.53 19.70 -1.70
N ARG C 303 1.89 19.44 -0.56
CA ARG C 303 2.46 18.96 0.70
C ARG C 303 3.01 17.54 0.63
N ASP C 304 2.78 16.79 -0.46
CA ASP C 304 3.22 15.39 -0.48
C ASP C 304 4.72 15.23 -0.61
N SER C 305 5.39 16.13 -1.32
CA SER C 305 6.82 16.03 -1.56
C SER C 305 7.49 17.37 -1.29
N LYS C 306 8.77 17.30 -0.93
CA LYS C 306 9.53 18.48 -0.58
C LYS C 306 10.02 19.25 -1.79
N ILE C 307 10.02 18.64 -2.98
CA ILE C 307 10.30 19.42 -4.18
C ILE C 307 9.02 20.06 -4.71
N THR C 308 7.87 19.69 -4.17
CA THR C 308 6.62 20.27 -4.63
C THR C 308 6.21 21.49 -3.81
N ARG C 309 6.48 21.49 -2.50
CA ARG C 309 6.17 22.67 -1.69
C ARG C 309 7.07 23.84 -2.04
N ILE C 310 8.30 23.56 -2.48
CA ILE C 310 9.20 24.62 -2.92
C ILE C 310 8.79 25.15 -4.29
N LEU C 311 7.94 24.43 -5.01
CA LEU C 311 7.47 24.86 -6.32
C LEU C 311 5.98 25.18 -6.33
N LYS C 312 5.35 25.31 -5.15
CA LYS C 312 3.96 25.77 -5.09
C LYS C 312 3.84 27.19 -5.62
N ASP C 313 4.80 28.05 -5.26
CA ASP C 313 4.89 29.38 -5.85
C ASP C 313 5.21 29.33 -7.35
N SER C 314 5.81 28.23 -7.82
CA SER C 314 6.20 28.07 -9.21
C SER C 314 5.11 27.46 -10.06
N LEU C 315 3.84 27.64 -9.70
CA LEU C 315 2.76 26.98 -10.40
C LEU C 315 1.53 27.88 -10.35
N GLY C 316 1.15 28.45 -11.50
CA GLY C 316 -0.07 29.21 -11.59
C GLY C 316 0.03 30.60 -10.98
N GLY C 317 -1.07 31.33 -11.12
CA GLY C 317 -1.18 32.65 -10.55
C GLY C 317 -0.38 33.70 -11.31
N ASN C 318 -0.15 34.82 -10.64
CA ASN C 318 0.63 35.91 -11.22
C ASN C 318 2.10 35.54 -11.38
N ALA C 319 2.59 34.53 -10.67
CA ALA C 319 3.94 34.05 -10.86
C ALA C 319 4.07 33.31 -12.19
N LYS C 320 5.25 33.42 -12.80
CA LYS C 320 5.50 32.89 -14.12
C LYS C 320 6.17 31.52 -14.03
N THR C 321 5.89 30.67 -15.03
CA THR C 321 6.47 29.34 -15.11
C THR C 321 6.50 28.93 -16.58
N VAL C 322 7.65 28.48 -17.06
CA VAL C 322 7.81 27.99 -18.43
C VAL C 322 8.37 26.58 -18.36
N MET C 323 7.73 25.65 -19.07
CA MET C 323 8.16 24.25 -19.07
C MET C 323 9.14 23.98 -20.20
N ILE C 324 10.29 23.39 -19.87
CA ILE C 324 11.25 22.90 -20.84
C ILE C 324 11.67 21.49 -20.42
N ALA C 325 11.52 20.52 -21.32
CA ALA C 325 11.88 19.15 -21.04
C ALA C 325 12.82 18.64 -22.13
N CYS C 326 13.67 17.68 -21.76
CA CYS C 326 14.65 17.08 -22.66
C CYS C 326 14.30 15.62 -22.89
N VAL C 327 14.20 15.22 -24.15
CA VAL C 327 13.86 13.85 -24.51
C VAL C 327 15.05 13.18 -25.18
N SER C 328 14.89 11.91 -25.55
CA SER C 328 15.94 11.14 -26.19
C SER C 328 15.47 10.62 -27.55
N PRO C 329 16.35 10.57 -28.55
CA PRO C 329 15.97 10.00 -29.84
C PRO C 329 15.98 8.49 -29.89
N SER C 330 16.38 7.82 -28.80
CA SER C 330 16.41 6.37 -28.77
C SER C 330 14.99 5.81 -28.70
N SER C 331 14.74 4.78 -29.51
CA SER C 331 13.41 4.17 -29.53
C SER C 331 13.15 3.29 -28.30
N SER C 332 14.21 2.88 -27.59
CA SER C 332 14.04 2.03 -26.41
C SER C 332 13.31 2.78 -25.29
N ASP C 333 13.57 4.08 -25.17
CA ASP C 333 12.81 4.94 -24.26
C ASP C 333 11.63 5.59 -24.94
N PHE C 334 11.17 4.99 -26.06
CA PHE C 334 10.12 5.52 -26.93
C PHE C 334 8.87 5.90 -26.16
N ASP C 335 8.24 4.92 -25.51
CA ASP C 335 7.08 5.18 -24.68
C ASP C 335 7.43 6.08 -23.51
N GLU C 336 8.65 5.92 -22.97
CA GLU C 336 9.15 6.82 -21.94
C GLU C 336 9.27 8.24 -22.45
N THR C 337 9.71 8.40 -23.71
CA THR C 337 9.70 9.71 -24.35
C THR C 337 8.26 10.19 -24.49
N LEU C 338 7.34 9.28 -24.87
CA LEU C 338 5.92 9.62 -24.86
C LEU C 338 5.44 9.87 -23.44
N ASN C 339 6.02 9.17 -22.45
CA ASN C 339 5.71 9.48 -21.06
C ASN C 339 6.23 10.86 -20.69
N THR C 340 7.38 11.24 -21.25
CA THR C 340 7.83 12.62 -21.12
C THR C 340 6.88 13.55 -21.86
N LEU C 341 6.38 13.08 -23.01
CA LEU C 341 5.29 13.79 -23.68
C LEU C 341 4.00 13.73 -22.88
N ASN C 342 3.81 12.66 -22.09
CA ASN C 342 2.70 12.66 -21.15
C ASN C 342 2.97 13.61 -20.00
N TYR C 343 4.25 13.85 -19.71
CA TYR C 343 4.63 14.97 -18.87
C TYR C 343 4.27 16.29 -19.53
N ALA C 344 4.36 16.33 -20.86
CA ALA C 344 4.10 17.55 -21.61
C ALA C 344 2.65 17.67 -22.07
N SER C 345 1.91 16.57 -22.16
CA SER C 345 0.53 16.64 -22.63
C SER C 345 -0.36 17.32 -21.60
N ARG C 346 -0.14 17.04 -20.32
CA ARG C 346 -0.95 17.61 -19.26
C ARG C 346 -0.34 18.88 -18.69
N ALA C 347 0.48 19.58 -19.48
CA ALA C 347 1.18 20.76 -19.01
C ALA C 347 0.29 21.99 -18.86
N GLN C 348 -0.92 21.93 -19.40
CA GLN C 348 -1.85 23.04 -19.31
C GLN C 348 -1.62 23.80 -18.01
N ASN C 349 -1.48 25.12 -18.12
CA ASN C 349 -1.26 26.00 -16.97
C ASN C 349 -0.14 25.50 -16.07
#